data_3FSG
#
_entry.id   3FSG
#
_cell.length_a   217.493
_cell.length_b   40.580
_cell.length_c   135.980
_cell.angle_alpha   90.00
_cell.angle_beta   107.50
_cell.angle_gamma   90.00
#
_symmetry.space_group_name_H-M   'C 1 2 1'
#
loop_
_entity.id
_entity.type
_entity.pdbx_description
1 polymer 'Alpha/beta superfamily hydrolase'
2 polymer 'Alpha/beta superfamily hydrolase'
3 non-polymer 1,2-ETHANEDIOL
4 non-polymer GLYCEROL
5 non-polymer 'SULFATE ION'
6 non-polymer 'CHLORIDE ION'
7 water water
#
loop_
_entity_poly.entity_id
_entity_poly.type
_entity_poly.pdbx_seq_one_letter_code
_entity_poly.pdbx_strand_id
1 'polypeptide(L)'
;SNA(MSE)KEYLTRSNISYFSIGSGTPIIFLHGLSLDKQST(CSO)LFFEPLSNVGQYQRIYLDLPG(MSE)GNSDPISP
STSDNVLETLIEAIEEIIGARRFILYGHSYGGYLAQAIAFHLKDQTLGVFLTCPVITADHSKRLTGKHINILEEDINPVE
NKEYFADFLS(MSE)NVIINNQAWHDYQNLIIPGLQKEDKTFIDQLQNNYSFTFEEKLKNINYQFPFKI(MSE)VGRNDQ
VVGYQEQLKLINHNENGEIVLLNRTGHNL(MSE)IDQREAVGFHFDLFLDELNSNN
;
A,B,C
2 'polypeptide(L)'
;SNA(MSE)KEYLTRSNISYFSIGSGTPIIFLHGLSLDKQSTCLFFEPLSNVGQYQRIYLDLPG(MSE)GNSDPISPSTSD
NVLETLIEAIEEIIGARRFILYGHSYGGYLAQAIAFHLKDQTLGVFLTCPVITADHSKRLTGKHINILEEDINPVENKEY
FADFLS(MSE)NVIINNQAWHDYQNLIIPGLQKEDKTFIDQLQNNYSFTFEEKLKNINYQFPFKI(MSE)VGRNDQVVGY
QEQLKLINHNENGEIVLLNRTGHNL(MSE)IDQREAVGFHFDLFLDELNSNN
;
D
#
# COMPACT_ATOMS: atom_id res chain seq x y z
N LYS A 5 35.94 12.39 16.08
CA LYS A 5 36.73 12.10 17.27
C LYS A 5 35.79 11.90 18.48
N GLU A 6 35.75 10.70 19.04
CA GLU A 6 34.97 10.44 20.23
C GLU A 6 35.80 10.79 21.46
N TYR A 7 35.19 11.49 22.42
CA TYR A 7 35.76 11.82 23.70
C TYR A 7 34.96 11.14 24.81
N LEU A 8 35.53 11.13 26.00
CA LEU A 8 34.94 10.45 27.14
C LEU A 8 35.25 11.34 28.32
N THR A 9 34.20 11.71 29.05
CA THR A 9 34.38 12.53 30.22
C THR A 9 34.91 11.63 31.33
N ARG A 10 35.38 12.25 32.39
CA ARG A 10 35.72 11.53 33.62
C ARG A 10 34.51 10.84 34.29
N SER A 11 33.31 11.37 34.02
CA SER A 11 32.04 10.79 34.48
C SER A 11 31.58 9.63 33.58
N ASN A 12 32.47 9.18 32.65
CA ASN A 12 32.22 8.15 31.63
C ASN A 12 31.01 8.29 30.70
N ILE A 13 30.86 9.51 30.20
CA ILE A 13 29.88 9.83 29.18
C ILE A 13 30.67 10.03 27.91
N SER A 14 30.32 9.25 26.88
CA SER A 14 30.99 9.37 25.59
C SER A 14 30.31 10.51 24.80
N TYR A 15 31.08 11.29 24.03
CA TYR A 15 30.47 12.37 23.26
C TYR A 15 31.32 12.75 22.10
N PHE A 16 30.71 13.43 21.14
CA PHE A 16 31.43 14.19 20.09
C PHE A 16 31.34 15.68 20.46
N SER A 17 32.35 16.44 20.09
CA SER A 17 32.29 17.90 20.22
C SER A 17 32.92 18.51 18.99
N ILE A 18 32.18 19.33 18.26
CA ILE A 18 32.70 19.91 16.98
C ILE A 18 32.35 21.37 17.01
N GLY A 19 33.31 22.20 16.61
CA GLY A 19 33.09 23.61 16.45
C GLY A 19 33.39 24.38 17.74
N SER A 20 33.37 25.70 17.62
CA SER A 20 33.47 26.62 18.72
C SER A 20 32.25 27.55 18.70
N GLY A 21 32.13 28.40 19.70
CA GLY A 21 30.99 29.29 19.74
C GLY A 21 30.06 28.76 20.81
N THR A 22 28.86 29.29 20.83
CA THR A 22 27.87 28.90 21.81
C THR A 22 27.62 27.43 21.73
N PRO A 23 27.62 26.75 22.90
CA PRO A 23 27.40 25.32 22.91
C PRO A 23 25.95 24.92 22.75
N ILE A 24 25.73 23.88 21.97
CA ILE A 24 24.49 23.13 21.91
C ILE A 24 24.71 21.70 22.42
N ILE A 25 23.97 21.31 23.44
CA ILE A 25 24.06 20.01 24.01
C ILE A 25 22.91 19.16 23.47
N PHE A 26 23.20 18.16 22.66
CA PHE A 26 22.18 17.30 22.07
C PHE A 26 22.00 16.00 22.85
N LEU A 27 20.79 15.69 23.24
CA LEU A 27 20.46 14.49 24.02
C LEU A 27 19.50 13.58 23.21
N HIS A 28 19.99 12.40 22.81
CA HIS A 28 19.29 11.50 21.87
C HIS A 28 18.16 10.73 22.57
N GLY A 29 17.34 10.03 21.80
CA GLY A 29 16.17 9.31 22.36
C GLY A 29 16.49 7.99 23.01
N LEU A 30 15.52 7.43 23.75
CA LEU A 30 15.71 6.14 24.44
C LEU A 30 16.01 5.10 23.33
N SER A 31 16.95 4.21 23.62
CA SER A 31 17.50 3.13 22.74
C SER A 31 18.31 3.65 21.60
N LEU A 32 18.48 4.95 21.50
CA LEU A 32 19.30 5.48 20.39
C LEU A 32 20.70 5.83 20.88
N ASP A 33 21.53 6.47 20.04
CA ASP A 33 22.79 6.96 20.49
C ASP A 33 23.12 8.24 19.72
N LYS A 34 24.32 8.78 19.90
CA LYS A 34 24.68 10.07 19.37
C LYS A 34 24.84 10.11 17.86
N GLN A 35 24.80 8.95 17.23
CA GLN A 35 24.71 8.85 15.80
C GLN A 35 23.39 9.48 15.31
N SER A 36 22.33 9.26 16.05
CA SER A 36 21.04 9.74 15.68
C SER A 36 20.97 11.25 15.65
N THR A 37 21.65 11.89 16.55
CA THR A 37 21.65 13.32 16.63
C THR A 37 22.78 13.86 15.72
N LEU A 39 24.49 12.64 13.13
CA LEU A 39 24.22 12.44 11.70
C LEU A 39 23.03 13.28 11.14
N PHE A 40 22.09 13.64 12.03
CA PHE A 40 20.95 14.40 11.65
C PHE A 40 21.24 15.88 11.57
N PHE A 41 21.86 16.46 12.59
CA PHE A 41 22.06 17.90 12.66
C PHE A 41 23.29 18.41 11.94
N GLU A 42 24.35 17.61 11.89
CA GLU A 42 25.55 18.09 11.19
C GLU A 42 25.28 18.53 9.76
N PRO A 43 24.43 17.80 9.01
CA PRO A 43 24.11 18.26 7.64
C PRO A 43 23.33 19.61 7.47
N LEU A 44 22.99 20.32 8.54
CA LEU A 44 22.12 21.49 8.38
C LEU A 44 22.83 22.87 8.52
N SER A 45 22.47 23.78 7.59
CA SER A 45 23.34 24.92 7.17
C SER A 45 23.87 25.77 8.31
N ASN A 46 23.06 25.97 9.36
CA ASN A 46 23.45 26.86 10.42
C ASN A 46 23.61 26.25 11.80
N VAL A 47 24.27 25.10 11.95
CA VAL A 47 24.83 24.79 13.25
C VAL A 47 26.33 25.08 13.22
N GLY A 48 26.87 25.41 12.04
CA GLY A 48 28.32 25.63 11.89
C GLY A 48 28.96 26.61 12.86
N GLN A 49 28.30 27.71 13.18
CA GLN A 49 28.87 28.67 14.12
C GLN A 49 28.85 28.19 15.58
N TYR A 50 28.21 27.05 15.89
CA TYR A 50 28.07 26.65 17.31
C TYR A 50 29.09 25.53 17.70
N GLN A 51 29.26 25.26 18.98
CA GLN A 51 30.00 24.11 19.40
C GLN A 51 28.95 23.05 19.63
N ARG A 52 28.95 22.04 18.80
CA ARG A 52 27.96 20.99 18.88
C ARG A 52 28.44 19.83 19.70
N ILE A 53 27.68 19.50 20.71
CA ILE A 53 28.04 18.51 21.65
C ILE A 53 26.97 17.41 21.69
N TYR A 54 27.34 16.26 21.20
CA TYR A 54 26.44 15.16 21.06
C TYR A 54 26.78 14.10 22.11
N LEU A 55 25.98 14.00 23.14
CA LEU A 55 26.22 13.04 24.23
C LEU A 55 25.60 11.66 23.95
N ASP A 56 26.24 10.58 24.46
CA ASP A 56 25.59 9.29 24.60
C ASP A 56 25.01 9.20 26.00
N LEU A 57 23.72 8.94 26.12
CA LEU A 57 23.16 8.73 27.45
C LEU A 57 23.79 7.47 28.12
N PRO A 58 23.75 7.37 29.44
CA PRO A 58 24.19 6.21 30.18
C PRO A 58 23.47 4.97 29.69
N GLY A 59 24.24 3.89 29.52
CA GLY A 59 23.71 2.65 28.97
C GLY A 59 23.33 2.63 27.50
N GLY A 61 24.89 3.89 23.36
CA GLY A 61 26.08 4.29 22.62
C GLY A 61 27.26 3.69 23.32
N ASN A 62 28.27 4.53 23.54
CA ASN A 62 29.52 4.18 24.18
C ASN A 62 29.60 4.67 25.60
N SER A 63 28.46 4.98 26.22
CA SER A 63 28.44 5.42 27.61
C SER A 63 28.02 4.25 28.47
N ASP A 64 28.81 3.98 29.51
CA ASP A 64 28.57 2.91 30.44
C ASP A 64 27.25 3.05 31.13
N PRO A 65 26.60 1.93 31.44
CA PRO A 65 25.49 2.00 32.40
C PRO A 65 25.97 2.52 33.71
N ILE A 66 25.05 2.89 34.60
CA ILE A 66 25.38 3.55 35.84
C ILE A 66 24.54 2.96 36.96
N SER A 67 25.11 3.02 38.18
CA SER A 67 24.48 2.48 39.37
C SER A 67 24.41 3.57 40.39
N PRO A 68 23.22 3.83 40.99
CA PRO A 68 21.89 3.30 40.72
C PRO A 68 21.38 3.65 39.32
N SER A 69 20.57 2.78 38.79
CA SER A 69 20.01 2.95 37.49
C SER A 69 18.67 3.67 37.65
N THR A 70 18.76 4.97 37.78
CA THR A 70 17.62 5.78 37.95
C THR A 70 17.75 7.05 37.13
N SER A 71 16.63 7.66 36.84
CA SER A 71 16.64 8.97 36.16
C SER A 71 17.39 10.04 36.97
N ASP A 72 17.23 10.03 38.30
CA ASP A 72 18.03 10.90 39.18
C ASP A 72 19.53 10.80 38.95
N ASN A 73 20.03 9.57 38.80
CA ASN A 73 21.45 9.38 38.61
C ASN A 73 21.82 9.79 37.19
N VAL A 74 20.95 9.48 36.21
CA VAL A 74 21.18 9.97 34.80
C VAL A 74 21.36 11.49 34.74
N LEU A 75 20.41 12.19 35.33
CA LEU A 75 20.48 13.68 35.43
C LEU A 75 21.77 14.19 36.08
N GLU A 76 22.08 13.62 37.25
CA GLU A 76 23.30 14.02 37.99
C GLU A 76 24.53 13.82 37.05
N THR A 77 24.57 12.71 36.34
CA THR A 77 25.74 12.33 35.55
C THR A 77 25.89 13.24 34.34
N LEU A 78 24.74 13.54 33.74
CA LEU A 78 24.71 14.47 32.64
C LEU A 78 25.08 15.87 33.09
N ILE A 79 24.60 16.32 34.25
CA ILE A 79 25.04 17.64 34.78
C ILE A 79 26.56 17.68 35.01
N GLU A 80 27.10 16.64 35.64
CA GLU A 80 28.53 16.50 35.81
C GLU A 80 29.23 16.62 34.47
N ALA A 81 28.72 15.88 33.49
CA ALA A 81 29.30 15.86 32.17
C ALA A 81 29.35 17.21 31.49
N ILE A 82 28.27 17.95 31.58
CA ILE A 82 28.17 19.22 30.93
C ILE A 82 29.15 20.19 31.56
N GLU A 83 29.19 20.24 32.88
CA GLU A 83 30.23 21.00 33.58
C GLU A 83 31.69 20.66 33.14
N GLU A 84 32.04 19.37 33.02
CA GLU A 84 33.35 19.00 32.50
C GLU A 84 33.61 19.61 31.14
N ILE A 85 32.59 19.59 30.29
CA ILE A 85 32.75 19.96 28.91
C ILE A 85 32.74 21.45 28.65
N ILE A 86 31.83 22.16 29.30
CA ILE A 86 31.69 23.59 29.05
C ILE A 86 31.69 24.48 30.29
N GLY A 87 31.75 23.87 31.45
CA GLY A 87 31.86 24.60 32.68
C GLY A 87 30.60 25.33 33.01
N ALA A 88 30.71 26.62 33.25
CA ALA A 88 29.54 27.44 33.53
C ALA A 88 29.09 28.24 32.27
N ARG A 89 29.70 28.02 31.10
CA ARG A 89 29.24 28.72 29.92
C ARG A 89 27.77 28.36 29.58
N ARG A 90 27.06 29.37 29.08
CA ARG A 90 25.63 29.23 28.80
C ARG A 90 25.46 28.40 27.54
N PHE A 91 24.43 27.58 27.54
CA PHE A 91 24.26 26.57 26.49
C PHE A 91 22.82 26.48 25.96
N ILE A 92 22.72 25.92 24.77
CA ILE A 92 21.38 25.55 24.19
C ILE A 92 21.16 24.07 24.33
N LEU A 93 19.91 23.68 24.56
CA LEU A 93 19.55 22.26 24.73
C LEU A 93 18.67 21.73 23.61
N TYR A 94 19.02 20.56 23.11
CA TYR A 94 18.16 19.74 22.25
C TYR A 94 17.92 18.37 22.85
N GLY A 95 16.68 17.91 22.73
CA GLY A 95 16.27 16.60 23.30
C GLY A 95 15.17 15.88 22.52
N HIS A 96 15.35 14.59 22.32
CA HIS A 96 14.37 13.68 21.77
C HIS A 96 13.97 12.63 22.81
N SER A 97 12.67 12.42 22.92
CA SER A 97 12.15 11.30 23.62
C SER A 97 12.66 11.41 25.07
N TYR A 98 13.28 10.41 25.62
CA TYR A 98 13.76 10.52 27.02
C TYR A 98 14.85 11.57 27.16
N GLY A 99 15.59 11.78 26.08
CA GLY A 99 16.51 12.89 25.98
C GLY A 99 15.90 14.27 26.23
N GLY A 100 14.72 14.48 25.66
CA GLY A 100 13.92 15.64 25.91
C GLY A 100 13.41 15.74 27.34
N TYR A 101 13.13 14.61 27.99
CA TYR A 101 12.77 14.64 29.42
C TYR A 101 13.96 15.14 30.27
N LEU A 102 15.14 14.64 29.95
CA LEU A 102 16.29 15.05 30.67
C LEU A 102 16.64 16.53 30.36
N ALA A 103 16.44 16.95 29.08
CA ALA A 103 16.63 18.35 28.63
C ALA A 103 15.77 19.24 29.47
N GLN A 104 14.53 18.84 29.65
CA GLN A 104 13.68 19.65 30.54
C GLN A 104 14.21 19.77 31.99
N ALA A 105 14.59 18.63 32.56
CA ALA A 105 15.12 18.55 33.93
C ALA A 105 16.36 19.44 34.07
N ILE A 106 17.22 19.39 33.08
CA ILE A 106 18.41 20.22 33.12
C ILE A 106 18.08 21.70 33.06
N ALA A 107 17.22 22.10 32.13
CA ALA A 107 16.73 23.47 32.00
C ALA A 107 16.08 23.95 33.29
N PHE A 108 15.32 23.08 33.90
CA PHE A 108 14.67 23.45 35.14
C PHE A 108 15.67 23.68 36.29
N HIS A 109 16.75 22.88 36.35
CA HIS A 109 17.77 23.02 37.40
C HIS A 109 18.91 24.00 37.12
N LEU A 110 19.27 24.20 35.88
CA LEU A 110 20.26 25.17 35.48
C LEU A 110 19.56 26.28 34.66
N LYS A 111 18.55 26.89 35.29
CA LYS A 111 17.78 27.98 34.69
C LYS A 111 18.64 29.11 34.11
N ASP A 112 19.54 29.68 34.87
CA ASP A 112 20.38 30.79 34.38
C ASP A 112 21.43 30.43 33.32
N GLN A 113 21.85 29.17 33.28
CA GLN A 113 22.84 28.72 32.28
C GLN A 113 22.23 28.23 30.92
N THR A 114 20.92 27.97 30.90
CA THR A 114 20.15 27.57 29.69
C THR A 114 19.65 28.72 28.83
N LEU A 115 20.04 28.72 27.55
CA LEU A 115 19.65 29.71 26.55
C LEU A 115 18.33 29.43 25.82
N GLY A 116 17.93 28.17 25.81
CA GLY A 116 16.84 27.74 24.98
C GLY A 116 16.77 26.22 24.97
N VAL A 117 15.59 25.73 24.70
CA VAL A 117 15.29 24.27 24.62
C VAL A 117 14.43 23.94 23.42
N PHE A 118 14.85 22.93 22.70
CA PHE A 118 14.16 22.44 21.52
C PHE A 118 14.04 20.93 21.69
N LEU A 119 12.83 20.46 21.60
CA LEU A 119 12.45 19.12 21.87
C LEU A 119 11.70 18.55 20.66
N THR A 120 11.96 17.29 20.39
CA THR A 120 11.21 16.48 19.47
C THR A 120 10.62 15.29 20.20
N CYS A 121 9.33 15.14 20.07
CA CYS A 121 8.64 14.02 20.64
C CYS A 121 9.17 13.76 22.05
N PRO A 122 9.15 14.77 22.88
CA PRO A 122 9.69 14.58 24.21
C PRO A 122 8.78 13.76 25.17
N VAL A 123 9.44 13.03 26.05
CA VAL A 123 8.78 12.46 27.20
C VAL A 123 8.55 13.63 28.15
N ILE A 124 7.35 13.69 28.70
CA ILE A 124 7.02 14.66 29.72
C ILE A 124 6.48 13.95 30.93
N THR A 125 5.65 12.94 30.67
CA THR A 125 5.28 11.94 31.67
C THR A 125 6.11 10.66 31.46
N ALA A 126 7.07 10.39 32.34
CA ALA A 126 7.99 9.24 32.22
C ALA A 126 7.21 7.88 32.29
N ASP A 127 6.28 7.77 33.23
CA ASP A 127 5.52 6.55 33.39
C ASP A 127 4.63 6.23 32.19
N HIS A 128 4.95 5.20 31.43
CA HIS A 128 4.20 4.84 30.20
C HIS A 128 2.67 4.63 30.45
N SER A 129 2.36 4.04 31.58
CA SER A 129 0.97 3.78 31.92
C SER A 129 0.18 5.06 32.12
N LYS A 130 0.84 6.19 32.40
CA LYS A 130 0.16 7.48 32.57
C LYS A 130 0.04 8.27 31.22
N ARG A 131 0.82 7.92 30.21
CA ARG A 131 0.93 8.79 29.06
C ARG A 131 -0.36 8.90 28.20
N LEU A 132 -0.59 10.07 27.62
CA LEU A 132 -1.63 10.19 26.60
C LEU A 132 -0.94 10.00 25.28
N THR A 133 -1.27 8.91 24.59
CA THR A 133 -0.54 8.58 23.35
C THR A 133 -1.39 8.66 22.11
N GLY A 134 -0.76 8.82 20.97
CA GLY A 134 -1.49 8.78 19.69
C GLY A 134 -1.58 7.39 19.06
N LYS A 135 -2.22 7.34 17.90
CA LYS A 135 -2.39 6.10 17.17
C LYS A 135 -1.40 6.06 16.00
N HIS A 136 -0.49 5.09 16.01
CA HIS A 136 0.43 4.89 14.90
C HIS A 136 -0.35 4.43 13.65
N ILE A 137 0.16 4.80 12.49
CA ILE A 137 -0.32 4.39 11.18
C ILE A 137 0.86 4.39 10.20
N ASN A 138 0.68 3.82 9.02
CA ASN A 138 1.69 3.90 7.99
C ASN A 138 1.11 4.52 6.77
N ILE A 139 1.91 5.32 6.11
CA ILE A 139 1.60 5.87 4.83
C ILE A 139 2.58 5.25 3.87
N LEU A 140 2.11 4.31 3.10
CA LEU A 140 3.00 3.44 2.31
C LEU A 140 3.26 4.11 0.96
N GLU A 141 4.26 4.95 0.91
CA GLU A 141 4.55 5.69 -0.33
C GLU A 141 5.20 4.92 -1.46
N GLU A 142 6.16 4.06 -1.12
CA GLU A 142 6.95 3.36 -2.14
C GLU A 142 7.16 1.95 -1.68
N ASP A 143 7.30 1.02 -2.61
CA ASP A 143 7.71 -0.30 -2.23
C ASP A 143 9.20 -0.25 -1.88
N ILE A 144 9.56 -1.01 -0.88
CA ILE A 144 10.92 -1.05 -0.43
C ILE A 144 11.37 -2.46 -0.40
N ASN A 145 12.53 -2.69 -0.95
CA ASN A 145 13.06 -4.02 -0.90
C ASN A 145 14.33 -4.03 -0.09
N PRO A 146 14.19 -4.29 1.19
CA PRO A 146 15.37 -4.28 2.08
C PRO A 146 16.34 -5.42 1.78
N VAL A 147 17.62 -5.09 1.68
CA VAL A 147 18.71 -6.05 1.58
C VAL A 147 19.40 -6.13 2.95
N GLU A 148 20.16 -5.10 3.32
CA GLU A 148 20.84 -5.01 4.62
C GLU A 148 19.81 -4.78 5.72
N ASN A 149 20.11 -5.20 6.94
CA ASN A 149 19.33 -4.88 8.14
C ASN A 149 17.86 -5.35 8.12
N LYS A 150 17.58 -6.38 7.33
CA LYS A 150 16.24 -6.92 7.17
C LYS A 150 15.56 -7.18 8.49
N GLU A 151 16.34 -7.66 9.45
CA GLU A 151 15.79 -8.02 10.76
C GLU A 151 15.16 -6.84 11.58
N TYR A 152 15.52 -5.60 11.21
CA TYR A 152 14.95 -4.37 11.81
C TYR A 152 13.77 -3.78 11.04
N PHE A 153 13.41 -4.38 9.88
CA PHE A 153 12.41 -3.80 9.03
C PHE A 153 11.06 -3.67 9.69
N ALA A 154 10.68 -4.67 10.49
CA ALA A 154 9.40 -4.60 11.20
C ALA A 154 9.36 -3.42 12.18
N ASP A 155 10.46 -3.20 12.86
CA ASP A 155 10.51 -2.12 13.88
C ASP A 155 10.38 -0.73 13.22
N PHE A 156 11.00 -0.63 12.05
CA PHE A 156 10.93 0.51 11.18
C PHE A 156 9.48 0.73 10.85
N LEU A 157 8.80 -0.31 10.38
CA LEU A 157 7.43 -0.17 9.95
C LEU A 157 6.53 0.12 11.12
N SER A 158 6.90 -0.41 12.28
CA SER A 158 6.07 -0.24 13.47
C SER A 158 6.25 1.13 14.10
N ASN A 160 8.25 4.30 12.26
CA ASN A 160 8.07 5.28 11.21
C ASN A 160 6.61 5.31 10.68
N VAL A 161 6.20 6.49 10.21
CA VAL A 161 4.85 6.67 9.64
C VAL A 161 4.98 6.70 8.13
N ILE A 162 5.81 7.58 7.61
CA ILE A 162 5.97 7.74 6.18
C ILE A 162 6.99 6.71 5.69
N ILE A 163 6.48 5.74 4.91
CA ILE A 163 7.30 4.61 4.48
C ILE A 163 7.70 4.80 3.03
N ASN A 164 8.98 5.07 2.84
CA ASN A 164 9.58 5.14 1.53
C ASN A 164 11.06 4.85 1.63
N ASN A 165 11.76 4.75 0.49
CA ASN A 165 13.16 4.36 0.52
C ASN A 165 14.04 5.30 1.32
N GLN A 166 13.80 6.59 1.22
CA GLN A 166 14.65 7.50 1.97
C GLN A 166 14.45 7.29 3.45
N ALA A 167 13.25 6.97 3.88
CA ALA A 167 12.99 6.84 5.33
C ALA A 167 13.73 5.60 5.86
N TRP A 168 13.73 4.52 5.08
CA TRP A 168 14.43 3.29 5.44
C TRP A 168 15.93 3.53 5.52
N HIS A 169 16.48 4.23 4.52
CA HIS A 169 17.89 4.63 4.59
C HIS A 169 18.20 5.44 5.87
N ASP A 170 17.36 6.43 6.15
CA ASP A 170 17.52 7.21 7.36
C ASP A 170 17.41 6.30 8.62
N TYR A 171 16.52 5.34 8.61
CA TYR A 171 16.31 4.55 9.85
C TYR A 171 17.60 3.77 10.13
N GLN A 172 18.17 3.26 9.05
CA GLN A 172 19.35 2.40 9.15
C GLN A 172 20.52 3.24 9.60
N ASN A 173 20.61 4.47 9.09
CA ASN A 173 21.70 5.36 9.42
C ASN A 173 21.66 5.96 10.83
N LEU A 174 20.46 6.22 11.32
CA LEU A 174 20.27 7.01 12.52
C LEU A 174 19.79 6.18 13.70
N ILE A 175 19.05 5.11 13.42
CA ILE A 175 18.35 4.41 14.52
C ILE A 175 19.09 3.13 14.84
N ILE A 176 19.47 2.38 13.80
CA ILE A 176 20.09 1.09 14.01
C ILE A 176 21.36 1.13 14.86
N PRO A 177 22.23 2.13 14.66
CA PRO A 177 23.47 2.14 15.47
C PRO A 177 23.20 2.12 16.94
N GLY A 178 22.19 2.83 17.37
CA GLY A 178 21.86 2.91 18.79
C GLY A 178 21.23 1.62 19.28
N LEU A 179 20.35 1.06 18.45
CA LEU A 179 19.73 -0.21 18.78
C LEU A 179 20.78 -1.30 19.02
N GLN A 180 21.89 -1.22 18.28
CA GLN A 180 22.92 -2.21 18.33
C GLN A 180 23.76 -2.10 19.61
N LYS A 181 23.78 -0.91 20.21
CA LYS A 181 24.58 -0.69 21.40
C LYS A 181 23.78 -0.58 22.70
N GLU A 182 22.47 -0.36 22.62
CA GLU A 182 21.73 -0.12 23.83
C GLU A 182 21.86 -1.30 24.82
N ASP A 183 22.00 -0.97 26.09
CA ASP A 183 21.99 -1.95 27.17
C ASP A 183 20.57 -2.11 27.68
N LYS A 184 19.90 -3.14 27.19
CA LYS A 184 18.48 -3.36 27.41
C LYS A 184 18.16 -3.60 28.86
N THR A 185 19.06 -4.27 29.56
CA THR A 185 18.85 -4.56 30.99
C THR A 185 18.91 -3.28 31.81
N PHE A 186 19.97 -2.50 31.59
CA PHE A 186 20.04 -1.17 32.17
C PHE A 186 18.77 -0.37 31.91
N ILE A 187 18.29 -0.29 30.64
CA ILE A 187 17.06 0.47 30.32
C ILE A 187 15.87 -0.10 31.13
N ASP A 188 15.78 -1.41 31.23
CA ASP A 188 14.63 -1.97 31.91
C ASP A 188 14.64 -1.63 33.38
N GLN A 189 15.82 -1.66 33.96
CA GLN A 189 15.99 -1.26 35.34
C GLN A 189 15.71 0.24 35.53
N LEU A 190 16.28 1.07 34.68
CA LEU A 190 15.98 2.50 34.65
C LEU A 190 14.50 2.79 34.66
N GLN A 191 13.74 2.03 33.92
CA GLN A 191 12.32 2.28 33.79
C GLN A 191 11.60 1.91 35.08
N ASN A 192 12.29 1.30 36.04
CA ASN A 192 11.67 1.06 37.35
C ASN A 192 11.81 2.24 38.26
N ASN A 193 12.68 3.20 37.88
CA ASN A 193 12.97 4.40 38.67
C ASN A 193 13.15 5.61 37.71
N TYR A 194 12.10 5.83 36.94
CA TYR A 194 12.17 6.55 35.68
C TYR A 194 11.66 7.94 35.84
N SER A 195 10.77 8.18 36.80
CA SER A 195 10.05 9.47 36.89
C SER A 195 10.70 10.34 37.94
N PHE A 196 11.09 11.56 37.56
CA PHE A 196 11.56 12.56 38.51
C PHE A 196 10.45 13.00 39.48
N THR A 197 10.82 13.28 40.72
CA THR A 197 9.85 13.72 41.74
C THR A 197 9.35 15.14 41.44
N PHE A 198 10.11 15.89 40.66
CA PHE A 198 9.69 17.18 40.17
C PHE A 198 9.05 17.18 38.79
N GLU A 199 8.53 16.04 38.32
CA GLU A 199 7.92 15.98 36.98
C GLU A 199 6.73 16.94 36.83
N GLU A 200 5.92 17.03 37.88
CA GLU A 200 4.85 17.97 37.86
C GLU A 200 5.28 19.43 37.71
N LYS A 201 6.45 19.78 38.25
CA LYS A 201 7.01 21.12 38.10
C LYS A 201 7.42 21.40 36.66
N LEU A 202 7.85 20.36 35.98
CA LEU A 202 8.26 20.48 34.58
C LEU A 202 7.02 20.75 33.75
N LYS A 203 5.88 20.31 34.27
CA LYS A 203 4.62 20.40 33.54
C LYS A 203 4.00 21.78 33.71
N ASN A 204 4.46 22.49 34.71
CA ASN A 204 3.87 23.75 35.08
C ASN A 204 4.81 24.91 34.90
N ILE A 205 6.09 24.65 34.80
CA ILE A 205 7.04 25.75 34.70
C ILE A 205 6.85 26.63 33.45
N ASN A 206 6.92 27.95 33.65
CA ASN A 206 6.94 28.93 32.59
C ASN A 206 8.41 29.27 32.33
N TYR A 207 9.04 28.56 31.42
CA TYR A 207 10.45 28.80 31.15
C TYR A 207 10.69 30.20 30.69
N GLN A 208 11.81 30.74 31.05
CA GLN A 208 12.01 32.15 30.78
C GLN A 208 12.91 32.30 29.56
N PHE A 209 12.82 31.37 28.62
CA PHE A 209 13.62 31.39 27.37
C PHE A 209 12.82 30.58 26.33
N PRO A 210 13.22 30.62 25.06
CA PRO A 210 12.53 29.87 23.99
C PRO A 210 12.44 28.38 24.30
N PHE A 211 11.25 27.85 24.16
CA PHE A 211 10.94 26.47 24.52
C PHE A 211 10.02 25.93 23.42
N LYS A 212 10.57 25.10 22.54
CA LYS A 212 9.94 24.69 21.32
C LYS A 212 9.83 23.18 21.21
N ILE A 213 8.67 22.70 20.78
CA ILE A 213 8.32 21.26 20.78
C ILE A 213 7.78 20.93 19.41
N VAL A 215 5.90 17.61 17.72
CA VAL A 215 5.17 16.40 18.07
C VAL A 215 4.39 15.86 16.84
N GLY A 216 4.09 14.56 16.85
CA GLY A 216 3.32 13.94 15.79
C GLY A 216 2.00 13.41 16.32
N ARG A 217 0.98 13.57 15.50
CA ARG A 217 -0.39 13.07 15.74
C ARG A 217 -0.40 11.53 15.91
N ASN A 218 0.54 10.87 15.24
CA ASN A 218 0.58 9.41 15.21
C ASN A 218 1.72 8.74 16.04
N ASP A 219 2.19 9.46 17.05
CA ASP A 219 3.23 9.04 17.94
C ASP A 219 2.58 8.26 19.05
N GLN A 220 2.72 6.93 18.98
CA GLN A 220 2.12 6.03 19.98
C GLN A 220 2.98 5.89 21.26
N VAL A 221 4.16 6.52 21.28
CA VAL A 221 5.08 6.41 22.44
C VAL A 221 4.89 7.54 23.45
N VAL A 222 4.89 8.78 22.97
CA VAL A 222 4.65 9.96 23.83
C VAL A 222 3.49 10.85 23.38
N GLY A 223 2.89 10.57 22.20
CA GLY A 223 1.80 11.38 21.70
C GLY A 223 2.10 12.86 21.51
N TYR A 224 1.04 13.64 21.70
CA TYR A 224 1.04 15.09 21.44
C TYR A 224 0.22 15.91 22.45
N GLN A 225 -0.74 15.31 23.12
CA GLN A 225 -1.63 16.09 23.98
C GLN A 225 -0.92 16.79 25.15
N GLU A 226 -0.05 16.05 25.81
CA GLU A 226 0.55 16.48 27.05
C GLU A 226 1.55 17.55 26.71
N GLN A 227 2.17 17.39 25.54
CA GLN A 227 3.06 18.42 25.07
C GLN A 227 2.28 19.71 24.72
N LEU A 228 1.09 19.60 24.13
CA LEU A 228 0.29 20.78 23.78
C LEU A 228 -0.04 21.57 25.05
N LYS A 229 -0.39 20.83 26.11
CA LYS A 229 -0.71 21.40 27.43
C LYS A 229 0.44 22.19 28.07
N LEU A 230 1.67 22.00 27.62
CA LEU A 230 2.78 22.76 28.13
C LEU A 230 2.85 24.10 27.48
N ILE A 231 2.21 24.25 26.35
CA ILE A 231 2.40 25.42 25.52
C ILE A 231 1.78 26.71 25.99
N ASN A 232 0.53 26.74 26.40
CA ASN A 232 -0.09 28.02 26.71
C ASN A 232 0.61 28.77 27.81
N HIS A 233 0.87 28.11 28.93
CA HIS A 233 1.49 28.73 30.10
C HIS A 233 3.01 28.98 29.92
N ASN A 234 3.58 28.50 28.83
CA ASN A 234 4.97 28.84 28.51
C ASN A 234 4.92 30.06 27.62
N GLU A 235 5.24 31.21 28.21
CA GLU A 235 5.34 32.51 27.58
C GLU A 235 6.07 32.50 26.28
N ASN A 236 7.12 31.73 26.23
CA ASN A 236 7.96 31.68 25.00
C ASN A 236 7.87 30.31 24.34
N GLY A 237 6.79 29.60 24.63
CA GLY A 237 6.55 28.25 24.16
C GLY A 237 6.01 28.19 22.74
N GLU A 238 6.70 27.42 21.91
CA GLU A 238 6.36 27.16 20.51
C GLU A 238 6.03 25.69 20.30
N ILE A 239 5.12 25.40 19.39
CA ILE A 239 4.84 24.05 19.07
C ILE A 239 4.55 23.85 17.59
N VAL A 240 5.01 22.71 17.08
CA VAL A 240 4.68 22.24 15.75
C VAL A 240 4.12 20.84 15.89
N LEU A 241 2.85 20.69 15.58
CA LEU A 241 2.16 19.40 15.64
C LEU A 241 1.65 19.09 14.26
N LEU A 242 1.99 17.92 13.78
CA LEU A 242 1.82 17.57 12.35
C LEU A 242 1.14 16.20 12.20
N ASN A 243 0.30 16.09 11.19
CA ASN A 243 -0.21 14.81 10.74
C ASN A 243 0.88 13.92 10.10
N ARG A 244 0.54 12.65 10.01
CA ARG A 244 1.31 11.67 9.32
C ARG A 244 2.75 11.68 9.86
N THR A 245 2.84 11.75 11.17
CA THR A 245 4.06 11.92 11.88
C THR A 245 4.01 11.13 13.18
N GLY A 246 5.05 10.37 13.45
CA GLY A 246 5.13 9.60 14.67
C GLY A 246 6.36 9.87 15.54
N HIS A 247 6.77 8.88 16.32
CA HIS A 247 7.91 8.99 17.22
C HIS A 247 9.22 9.18 16.49
N ASN A 248 9.37 8.64 15.30
CA ASN A 248 10.67 8.91 14.60
C ASN A 248 10.46 10.11 13.76
N LEU A 249 10.16 11.20 14.44
CA LEU A 249 9.62 12.38 13.80
C LEU A 249 10.69 12.94 12.89
N ILE A 251 12.56 11.47 10.94
CA ILE A 251 12.62 10.79 9.61
C ILE A 251 11.36 11.12 8.82
N ASP A 252 10.21 10.98 9.49
CA ASP A 252 8.95 11.34 8.88
C ASP A 252 8.93 12.76 8.32
N GLN A 253 9.51 13.70 9.06
CA GLN A 253 9.47 15.12 8.75
C GLN A 253 10.88 15.68 8.84
N ARG A 254 11.79 15.01 8.16
CA ARG A 254 13.20 15.48 8.11
C ARG A 254 13.28 16.99 7.93
N GLU A 255 12.64 17.48 6.88
CA GLU A 255 12.78 18.89 6.41
C GLU A 255 12.17 19.88 7.42
N ALA A 256 11.07 19.49 8.02
CA ALA A 256 10.44 20.32 9.06
C ALA A 256 11.33 20.51 10.27
N VAL A 257 12.02 19.46 10.70
CA VAL A 257 12.89 19.55 11.89
C VAL A 257 14.05 20.45 11.56
N GLY A 258 14.68 20.26 10.39
CA GLY A 258 15.78 21.17 9.96
C GLY A 258 15.37 22.65 9.92
N PHE A 259 14.22 22.89 9.30
CA PHE A 259 13.70 24.21 9.15
C PHE A 259 13.51 24.84 10.53
N HIS A 260 12.81 24.12 11.37
CA HIS A 260 12.45 24.64 12.67
C HIS A 260 13.58 24.76 13.65
N PHE A 261 14.57 23.91 13.54
CA PHE A 261 15.72 24.01 14.40
C PHE A 261 16.46 25.25 14.04
N ASP A 262 16.55 25.53 12.75
CA ASP A 262 17.24 26.75 12.25
C ASP A 262 16.52 28.06 12.69
N LEU A 263 15.21 28.00 12.60
CA LEU A 263 14.37 29.11 12.98
C LEU A 263 14.59 29.35 14.51
N PHE A 264 14.61 28.27 15.30
CA PHE A 264 14.87 28.33 16.74
C PHE A 264 16.24 28.99 17.05
N LEU A 265 17.28 28.63 16.32
CA LEU A 265 18.60 29.26 16.55
C LEU A 265 18.56 30.74 16.21
N ASP A 266 17.80 31.09 15.17
CA ASP A 266 17.55 32.49 14.84
C ASP A 266 17.00 33.28 16.00
N GLU A 267 16.02 32.70 16.71
CA GLU A 267 15.47 33.32 17.91
C GLU A 267 16.50 33.68 18.90
N LEU A 268 17.44 32.77 19.13
CA LEU A 268 18.43 32.98 20.19
C LEU A 268 19.49 33.96 19.74
N ASN A 269 19.87 33.84 18.49
CA ASN A 269 20.75 34.78 17.87
C ASN A 269 20.26 36.23 18.04
N SER A 270 18.96 36.38 18.23
CA SER A 270 18.37 37.68 18.42
C SER A 270 18.19 38.04 19.90
N LYS B 5 4.29 -39.51 16.45
CA LYS B 5 5.66 -39.94 16.48
C LYS B 5 6.45 -39.36 15.31
N GLU B 6 7.59 -38.75 15.58
CA GLU B 6 8.52 -38.44 14.53
C GLU B 6 9.43 -39.66 14.45
N TYR B 7 9.75 -40.07 13.25
CA TYR B 7 10.55 -41.24 13.02
C TYR B 7 11.87 -40.80 12.46
N LEU B 8 12.79 -41.73 12.44
CA LEU B 8 14.11 -41.54 11.93
C LEU B 8 14.59 -42.76 11.15
N THR B 9 15.08 -42.53 9.96
CA THR B 9 15.58 -43.61 9.16
C THR B 9 17.00 -43.93 9.55
N ARG B 10 17.53 -45.00 8.99
CA ARG B 10 18.89 -45.45 9.23
C ARG B 10 19.87 -44.36 8.79
N SER B 11 19.51 -43.64 7.77
CA SER B 11 20.27 -42.47 7.34
C SER B 11 20.04 -41.20 8.22
N ASN B 12 19.22 -41.28 9.24
CA ASN B 12 18.82 -40.10 9.99
C ASN B 12 18.17 -39.00 9.09
N ILE B 13 17.22 -39.42 8.28
CA ILE B 13 16.21 -38.54 7.71
C ILE B 13 15.07 -38.61 8.74
N SER B 14 14.68 -37.45 9.28
CA SER B 14 13.53 -37.35 10.18
C SER B 14 12.22 -37.25 9.38
N TYR B 15 11.14 -37.91 9.83
CA TYR B 15 9.86 -37.81 9.11
C TYR B 15 8.63 -38.12 9.96
N PHE B 16 7.47 -37.64 9.48
CA PHE B 16 6.16 -38.05 10.05
C PHE B 16 5.61 -39.02 9.01
N SER B 17 4.79 -39.93 9.47
CA SER B 17 4.09 -40.84 8.62
C SER B 17 2.71 -40.98 9.26
N ILE B 18 1.65 -40.64 8.53
CA ILE B 18 0.30 -40.57 9.08
C ILE B 18 -0.61 -41.36 8.16
N GLY B 19 -1.27 -42.39 8.70
CA GLY B 19 -2.20 -43.21 7.90
C GLY B 19 -1.70 -44.45 7.19
N SER B 20 -2.55 -44.99 6.33
CA SER B 20 -2.38 -46.30 5.68
C SER B 20 -2.86 -46.16 4.25
N GLY B 21 -2.38 -47.01 3.35
CA GLY B 21 -2.83 -46.97 1.98
C GLY B 21 -1.76 -46.46 1.02
N THR B 22 -2.19 -45.80 -0.04
CA THR B 22 -1.24 -45.35 -1.05
C THR B 22 -0.36 -44.30 -0.41
N PRO B 23 0.96 -44.48 -0.48
CA PRO B 23 1.88 -43.45 0.09
C PRO B 23 1.92 -42.21 -0.76
N ILE B 24 1.93 -41.07 -0.07
CA ILE B 24 2.22 -39.79 -0.65
C ILE B 24 3.47 -39.30 0.08
N ILE B 25 4.54 -39.05 -0.69
CA ILE B 25 5.78 -38.52 -0.16
C ILE B 25 5.82 -37.01 -0.44
N PHE B 26 5.99 -36.21 0.60
CA PHE B 26 5.99 -34.75 0.48
C PHE B 26 7.38 -34.20 0.78
N LEU B 27 7.88 -33.41 -0.14
CA LEU B 27 9.21 -32.87 -0.10
C LEU B 27 9.07 -31.35 -0.04
N HIS B 28 9.60 -30.74 1.03
CA HIS B 28 9.56 -29.30 1.26
C HIS B 28 10.64 -28.52 0.52
N GLY B 29 10.57 -27.22 0.64
CA GLY B 29 11.56 -26.31 0.01
C GLY B 29 12.91 -26.23 0.70
N LEU B 30 13.90 -25.70 -0.02
CA LEU B 30 15.21 -25.39 0.54
C LEU B 30 15.04 -24.45 1.71
N SER B 31 15.67 -24.81 2.80
CA SER B 31 15.66 -24.07 4.03
C SER B 31 14.40 -24.20 4.84
N LEU B 32 13.43 -24.96 4.38
CA LEU B 32 12.25 -25.18 5.17
C LEU B 32 12.33 -26.51 5.85
N ASP B 33 11.25 -26.95 6.43
CA ASP B 33 11.18 -28.29 6.95
C ASP B 33 9.78 -28.92 6.83
N LYS B 34 9.60 -30.05 7.45
CA LYS B 34 8.43 -30.84 7.24
C LYS B 34 7.20 -30.16 7.85
N GLN B 35 7.42 -29.10 8.63
CA GLN B 35 6.29 -28.33 9.20
C GLN B 35 5.57 -27.63 8.03
N SER B 36 6.33 -27.23 7.04
CA SER B 36 5.81 -26.57 5.89
C SER B 36 4.83 -27.40 5.10
N THR B 37 5.04 -28.68 5.01
CA THR B 37 4.20 -29.52 4.25
C THR B 37 3.10 -30.15 5.13
N LEU B 39 1.81 -29.28 8.10
CA LEU B 39 0.81 -28.35 8.62
C LEU B 39 -0.12 -27.79 7.53
N PHE B 40 0.38 -27.68 6.32
CA PHE B 40 -0.43 -27.30 5.21
C PHE B 40 -1.43 -28.33 4.75
N PHE B 41 -1.01 -29.57 4.57
CA PHE B 41 -1.89 -30.60 4.02
C PHE B 41 -2.75 -31.32 5.05
N GLU B 42 -2.28 -31.41 6.28
CA GLU B 42 -3.04 -32.05 7.34
C GLU B 42 -4.00 -31.10 8.06
N PRO B 43 -5.19 -31.56 8.35
CA PRO B 43 -5.67 -32.87 7.97
C PRO B 43 -6.03 -32.95 6.49
N LEU B 44 -5.67 -34.05 5.83
CA LEU B 44 -6.02 -34.23 4.39
C LEU B 44 -7.54 -34.17 4.11
N SER B 45 -8.34 -34.82 4.97
CA SER B 45 -9.81 -34.79 4.87
C SER B 45 -10.32 -35.26 3.48
N ASN B 46 -9.71 -36.30 2.90
CA ASN B 46 -10.28 -36.95 1.69
C ASN B 46 -10.91 -38.29 2.03
N VAL B 47 -11.78 -38.72 1.14
CA VAL B 47 -12.59 -39.92 1.36
C VAL B 47 -11.76 -41.19 1.13
N GLY B 48 -10.60 -41.02 0.48
CA GLY B 48 -9.67 -42.13 0.27
C GLY B 48 -8.61 -42.11 1.34
N GLN B 49 -8.01 -43.26 1.60
CA GLN B 49 -6.95 -43.31 2.58
C GLN B 49 -5.55 -43.47 1.97
N TYR B 50 -4.74 -42.49 2.30
CA TYR B 50 -3.37 -42.38 1.85
C TYR B 50 -2.52 -42.43 3.10
N GLN B 51 -1.25 -42.82 2.94
CA GLN B 51 -0.25 -42.74 3.99
C GLN B 51 0.59 -41.55 3.62
N ARG B 52 0.54 -40.53 4.47
CA ARG B 52 1.20 -39.28 4.15
C ARG B 52 2.52 -39.30 4.89
N ILE B 53 3.60 -39.14 4.13
CA ILE B 53 4.94 -39.18 4.65
C ILE B 53 5.57 -37.79 4.36
N TYR B 54 5.84 -37.07 5.43
CA TYR B 54 6.50 -35.76 5.47
C TYR B 54 7.95 -35.91 5.92
N LEU B 55 8.86 -35.76 4.97
CA LEU B 55 10.29 -35.97 5.22
C LEU B 55 10.93 -34.62 5.49
N ASP B 56 11.90 -34.58 6.39
CA ASP B 56 12.85 -33.44 6.41
C ASP B 56 13.99 -33.73 5.49
N LEU B 57 14.27 -32.89 4.53
CA LEU B 57 15.47 -33.07 3.68
C LEU B 57 16.75 -33.07 4.52
N PRO B 58 17.82 -33.76 4.03
CA PRO B 58 19.13 -33.71 4.68
C PRO B 58 19.55 -32.27 5.03
N GLY B 59 20.06 -32.08 6.23
CA GLY B 59 20.50 -30.77 6.65
C GLY B 59 19.41 -29.77 6.97
N GLY B 61 15.35 -29.32 9.04
CA GLY B 61 14.46 -29.88 10.04
C GLY B 61 15.35 -30.60 11.04
N ASN B 62 14.99 -31.84 11.32
CA ASN B 62 15.63 -32.68 12.31
C ASN B 62 16.47 -33.75 11.67
N SER B 63 16.75 -33.59 10.39
CA SER B 63 17.57 -34.56 9.69
C SER B 63 19.05 -34.22 9.71
N ASP B 64 19.89 -35.24 9.70
CA ASP B 64 21.34 -35.00 9.65
C ASP B 64 21.70 -34.39 8.33
N PRO B 65 22.74 -33.58 8.32
CA PRO B 65 23.32 -33.21 7.06
C PRO B 65 24.01 -34.42 6.46
N ILE B 66 24.44 -34.30 5.23
CA ILE B 66 25.17 -35.35 4.55
C ILE B 66 26.40 -34.85 3.83
N SER B 67 27.32 -35.74 3.54
CA SER B 67 28.53 -35.39 2.83
C SER B 67 28.82 -36.46 1.83
N PRO B 68 29.15 -36.06 0.61
CA PRO B 68 29.26 -34.68 0.20
C PRO B 68 27.93 -33.95 0.05
N SER B 69 27.97 -32.64 0.07
CA SER B 69 26.75 -31.85 0.07
C SER B 69 26.49 -31.50 -1.40
N THR B 70 25.91 -32.48 -2.08
CA THR B 70 25.52 -32.33 -3.47
C THR B 70 24.07 -32.77 -3.66
N SER B 71 23.44 -32.19 -4.68
CA SER B 71 22.06 -32.51 -5.00
C SER B 71 21.99 -33.99 -5.41
N ASP B 72 23.03 -34.47 -6.08
CA ASP B 72 23.12 -35.90 -6.37
C ASP B 72 23.02 -36.76 -5.10
N ASN B 73 23.75 -36.39 -4.06
CA ASN B 73 23.78 -37.18 -2.84
C ASN B 73 22.48 -37.01 -2.06
N VAL B 74 21.94 -35.79 -2.08
CA VAL B 74 20.61 -35.52 -1.50
C VAL B 74 19.56 -36.48 -2.10
N LEU B 75 19.58 -36.60 -3.42
CA LEU B 75 18.68 -37.49 -4.15
C LEU B 75 18.92 -38.96 -3.72
N GLU B 76 20.19 -39.40 -3.73
CA GLU B 76 20.48 -40.75 -3.34
C GLU B 76 20.00 -41.04 -1.88
N THR B 77 20.25 -40.11 -0.97
CA THR B 77 19.78 -40.30 0.43
C THR B 77 18.28 -40.39 0.50
N LEU B 78 17.57 -39.57 -0.29
CA LEU B 78 16.12 -39.53 -0.25
C LEU B 78 15.50 -40.79 -0.81
N ILE B 79 16.04 -41.27 -1.92
CA ILE B 79 15.62 -42.55 -2.47
C ILE B 79 15.79 -43.73 -1.45
N GLU B 80 16.91 -43.80 -0.73
CA GLU B 80 17.16 -44.74 0.40
C GLU B 80 16.13 -44.64 1.49
N ALA B 81 15.83 -43.40 1.87
CA ALA B 81 14.83 -43.13 2.91
C ALA B 81 13.45 -43.63 2.51
N ILE B 82 13.05 -43.28 1.29
CA ILE B 82 11.78 -43.71 0.74
C ILE B 82 11.72 -45.26 0.67
N GLU B 83 12.68 -45.85 -0.01
CA GLU B 83 12.75 -47.33 -0.03
C GLU B 83 12.73 -47.93 1.39
N GLU B 84 13.38 -47.28 2.35
CA GLU B 84 13.41 -47.75 3.72
C GLU B 84 12.02 -47.66 4.39
N ILE B 85 11.25 -46.57 4.10
CA ILE B 85 9.94 -46.35 4.68
C ILE B 85 8.81 -47.17 4.01
N ILE B 86 8.83 -47.26 2.69
CA ILE B 86 7.74 -47.92 1.97
C ILE B 86 8.17 -49.05 1.03
N GLY B 87 9.48 -49.34 0.98
CA GLY B 87 9.94 -50.43 0.17
C GLY B 87 9.66 -50.12 -1.28
N ALA B 88 9.06 -51.08 -1.98
CA ALA B 88 8.73 -50.99 -3.39
C ALA B 88 7.28 -50.54 -3.62
N ARG B 89 6.52 -50.26 -2.57
CA ARG B 89 5.16 -49.78 -2.75
C ARG B 89 5.13 -48.54 -3.70
N ARG B 90 4.16 -48.55 -4.60
CA ARG B 90 4.08 -47.44 -5.57
C ARG B 90 3.56 -46.22 -4.84
N PHE B 91 4.12 -45.06 -5.21
CA PHE B 91 3.87 -43.81 -4.45
C PHE B 91 3.56 -42.58 -5.31
N ILE B 92 2.90 -41.62 -4.67
CA ILE B 92 2.59 -40.27 -5.21
C ILE B 92 3.62 -39.25 -4.62
N LEU B 93 4.14 -38.36 -5.43
CA LEU B 93 5.06 -37.36 -4.96
C LEU B 93 4.44 -35.98 -4.94
N TYR B 94 4.70 -35.29 -3.83
CA TYR B 94 4.59 -33.82 -3.74
C TYR B 94 5.94 -33.12 -3.50
N GLY B 95 6.17 -32.02 -4.20
CA GLY B 95 7.38 -31.23 -4.02
C GLY B 95 7.10 -29.73 -4.21
N HIS B 96 7.65 -28.93 -3.30
CA HIS B 96 7.70 -27.50 -3.38
C HIS B 96 9.13 -27.03 -3.63
N SER B 97 9.31 -26.28 -4.69
CA SER B 97 10.56 -25.64 -4.94
C SER B 97 11.69 -26.64 -5.10
N TYR B 98 12.71 -26.55 -4.28
CA TYR B 98 13.80 -27.55 -4.33
C TYR B 98 13.29 -28.97 -4.14
N GLY B 99 12.39 -29.15 -3.19
CA GLY B 99 11.65 -30.41 -3.08
C GLY B 99 11.02 -30.94 -4.37
N GLY B 100 10.54 -30.02 -5.20
CA GLY B 100 10.01 -30.35 -6.52
C GLY B 100 11.09 -30.75 -7.51
N TYR B 101 12.26 -30.15 -7.37
CA TYR B 101 13.43 -30.55 -8.16
C TYR B 101 13.83 -32.00 -7.85
N LEU B 102 13.86 -32.31 -6.58
CA LEU B 102 14.06 -33.64 -6.10
C LEU B 102 12.95 -34.60 -6.52
N ALA B 103 11.71 -34.16 -6.43
CA ALA B 103 10.56 -34.96 -6.82
C ALA B 103 10.68 -35.37 -8.28
N GLN B 104 11.12 -34.47 -9.12
CA GLN B 104 11.35 -34.75 -10.51
C GLN B 104 12.42 -35.79 -10.66
N ALA B 105 13.53 -35.63 -9.97
CA ALA B 105 14.61 -36.62 -10.06
C ALA B 105 14.18 -37.98 -9.55
N ILE B 106 13.37 -38.07 -8.51
CA ILE B 106 12.89 -39.37 -7.99
C ILE B 106 11.98 -40.06 -9.00
N ALA B 107 11.03 -39.31 -9.55
CA ALA B 107 10.12 -39.79 -10.57
C ALA B 107 10.89 -40.27 -11.86
N PHE B 108 11.99 -39.62 -12.17
CA PHE B 108 12.84 -39.99 -13.31
C PHE B 108 13.58 -41.28 -12.99
N HIS B 109 14.15 -41.38 -11.80
CA HIS B 109 14.88 -42.61 -11.41
C HIS B 109 13.96 -43.74 -10.97
N LEU B 110 12.79 -43.46 -10.44
CA LEU B 110 11.89 -44.52 -9.97
C LEU B 110 10.61 -44.52 -10.75
N LYS B 111 10.81 -44.50 -12.06
CA LYS B 111 9.76 -44.31 -13.06
C LYS B 111 8.63 -45.32 -12.92
N ASP B 112 8.88 -46.52 -12.44
CA ASP B 112 7.80 -47.51 -12.35
C ASP B 112 7.07 -47.50 -11.01
N GLN B 113 7.71 -46.95 -10.00
CA GLN B 113 7.17 -46.92 -8.65
C GLN B 113 6.31 -45.62 -8.44
N THR B 114 6.39 -44.70 -9.39
CA THR B 114 5.77 -43.39 -9.23
C THR B 114 4.38 -43.35 -9.92
N LEU B 115 3.36 -43.01 -9.16
CA LEU B 115 2.00 -42.95 -9.65
C LEU B 115 1.62 -41.56 -10.17
N GLY B 116 2.33 -40.53 -9.71
CA GLY B 116 2.01 -39.18 -10.07
C GLY B 116 2.87 -38.19 -9.29
N VAL B 117 3.01 -37.00 -9.88
CA VAL B 117 3.80 -35.93 -9.27
C VAL B 117 3.00 -34.61 -9.24
N PHE B 118 2.92 -33.97 -8.06
CA PHE B 118 2.33 -32.66 -7.93
C PHE B 118 3.37 -31.71 -7.40
N LEU B 119 3.60 -30.64 -8.14
CA LEU B 119 4.65 -29.67 -7.83
C LEU B 119 4.10 -28.25 -7.64
N THR B 120 4.53 -27.59 -6.55
CA THR B 120 4.32 -26.14 -6.40
C THR B 120 5.64 -25.41 -6.59
N CYS B 121 5.62 -24.38 -7.43
CA CYS B 121 6.82 -23.56 -7.72
C CYS B 121 8.09 -24.38 -7.72
N PRO B 122 8.12 -25.43 -8.55
CA PRO B 122 9.28 -26.28 -8.59
C PRO B 122 10.53 -25.62 -9.23
N VAL B 123 11.66 -25.88 -8.63
CA VAL B 123 12.97 -25.64 -9.32
C VAL B 123 13.06 -26.60 -10.49
N ILE B 124 13.51 -26.10 -11.65
CA ILE B 124 13.74 -26.91 -12.86
C ILE B 124 15.20 -26.81 -13.26
N THR B 125 15.68 -25.60 -13.32
CA THR B 125 17.07 -25.28 -13.48
C THR B 125 17.58 -24.88 -12.11
N ALA B 126 18.53 -25.61 -11.56
CA ALA B 126 19.03 -25.33 -10.24
C ALA B 126 19.84 -24.05 -10.10
N ASP B 127 20.71 -23.79 -11.05
CA ASP B 127 21.57 -22.62 -11.04
C ASP B 127 20.76 -21.34 -11.18
N HIS B 128 20.76 -20.54 -10.12
CA HIS B 128 19.90 -19.35 -10.01
C HIS B 128 20.13 -18.32 -11.12
N SER B 129 21.38 -18.07 -11.47
CA SER B 129 21.69 -17.08 -12.49
C SER B 129 21.16 -17.44 -13.86
N LYS B 130 20.75 -18.68 -14.03
CA LYS B 130 20.28 -19.11 -15.33
C LYS B 130 18.75 -19.36 -15.38
N ARG B 131 18.04 -19.14 -14.29
CA ARG B 131 16.58 -19.34 -14.31
C ARG B 131 15.83 -18.23 -15.03
N LEU B 132 14.68 -18.55 -15.60
CA LEU B 132 13.70 -17.51 -16.00
C LEU B 132 12.74 -17.27 -14.82
N THR B 133 12.77 -16.05 -14.29
CA THR B 133 12.04 -15.70 -13.07
C THR B 133 11.06 -14.55 -13.30
N GLY B 134 10.00 -14.48 -12.48
CA GLY B 134 8.99 -13.43 -12.59
C GLY B 134 9.36 -12.23 -11.70
N LYS B 135 8.54 -11.20 -11.72
CA LYS B 135 8.82 -9.99 -10.98
C LYS B 135 7.93 -9.96 -9.76
N HIS B 136 8.53 -9.92 -8.59
CA HIS B 136 7.78 -9.95 -7.35
C HIS B 136 6.99 -8.67 -7.14
N ILE B 137 5.87 -8.75 -6.46
CA ILE B 137 5.08 -7.59 -6.11
C ILE B 137 4.40 -7.86 -4.80
N ASN B 138 3.88 -6.82 -4.20
CA ASN B 138 3.03 -6.94 -3.05
C ASN B 138 1.64 -6.41 -3.37
N ILE B 139 0.64 -7.10 -2.86
CA ILE B 139 -0.72 -6.68 -2.86
C ILE B 139 -1.02 -6.55 -1.41
N LEU B 140 -1.16 -5.32 -0.97
CA LEU B 140 -1.25 -5.01 0.44
C LEU B 140 -2.71 -4.86 0.81
N GLU B 141 -3.27 -5.86 1.45
CA GLU B 141 -4.70 -5.88 1.74
C GLU B 141 -5.07 -5.42 3.13
N GLU B 142 -4.18 -5.62 4.08
CA GLU B 142 -4.43 -5.22 5.45
C GLU B 142 -3.11 -4.76 5.98
N ASP B 143 -3.13 -3.97 7.03
CA ASP B 143 -1.87 -3.64 7.63
C ASP B 143 -1.67 -4.67 8.71
N ILE B 144 -0.43 -4.98 8.96
CA ILE B 144 -0.13 -6.02 9.90
C ILE B 144 0.75 -5.40 10.93
N ASN B 145 0.48 -5.67 12.20
CA ASN B 145 1.37 -5.16 13.21
C ASN B 145 2.01 -6.36 13.92
N PRO B 146 3.16 -6.82 13.41
CA PRO B 146 3.83 -8.02 13.90
C PRO B 146 4.31 -7.89 15.32
N VAL B 147 3.98 -8.84 16.18
CA VAL B 147 4.54 -8.88 17.55
C VAL B 147 5.72 -9.90 17.57
N GLU B 148 5.40 -11.18 17.54
CA GLU B 148 6.38 -12.24 17.44
C GLU B 148 7.03 -12.30 16.05
N ASN B 149 8.25 -12.82 15.99
CA ASN B 149 8.93 -13.09 14.74
C ASN B 149 9.13 -11.93 13.85
N LYS B 150 9.28 -10.75 14.44
CA LYS B 150 9.43 -9.51 13.69
C LYS B 150 10.61 -9.55 12.80
N GLU B 151 11.67 -10.27 13.23
CA GLU B 151 12.92 -10.33 12.46
C GLU B 151 12.75 -10.99 11.07
N TYR B 152 11.74 -11.84 10.93
CA TYR B 152 11.37 -12.51 9.68
C TYR B 152 10.34 -11.73 8.83
N PHE B 153 9.87 -10.58 9.30
CA PHE B 153 8.82 -9.86 8.55
C PHE B 153 9.28 -9.36 7.21
N ALA B 154 10.50 -8.83 7.09
CA ALA B 154 11.05 -8.45 5.78
C ALA B 154 11.01 -9.60 4.77
N ASP B 155 11.43 -10.77 5.22
CA ASP B 155 11.50 -11.93 4.28
C ASP B 155 10.07 -12.28 3.81
N PHE B 156 9.10 -12.26 4.74
CA PHE B 156 7.71 -12.48 4.42
C PHE B 156 7.26 -11.49 3.35
N LEU B 157 7.53 -10.22 3.56
CA LEU B 157 7.13 -9.20 2.63
C LEU B 157 7.82 -9.37 1.27
N SER B 158 9.04 -9.90 1.30
CA SER B 158 9.88 -10.01 0.07
C SER B 158 9.52 -11.23 -0.75
N ASN B 160 6.11 -13.48 0.01
CA ASN B 160 4.70 -13.37 -0.23
C ASN B 160 4.25 -12.13 -1.10
N VAL B 161 3.12 -12.36 -1.74
CA VAL B 161 2.55 -11.43 -2.68
C VAL B 161 1.34 -10.83 -1.98
N ILE B 162 0.38 -11.65 -1.59
CA ILE B 162 -0.79 -11.23 -0.87
C ILE B 162 -0.50 -10.98 0.59
N ILE B 163 -0.48 -9.72 0.97
CA ILE B 163 -0.16 -9.33 2.31
C ILE B 163 -1.36 -9.06 3.16
N ASN B 164 -1.58 -9.91 4.13
CA ASN B 164 -2.66 -9.76 5.07
C ASN B 164 -2.34 -10.51 6.34
N ASN B 165 -3.14 -10.35 7.37
CA ASN B 165 -2.86 -11.04 8.63
C ASN B 165 -2.84 -12.58 8.56
N GLN B 166 -3.78 -13.18 7.81
CA GLN B 166 -3.80 -14.65 7.67
C GLN B 166 -2.49 -15.12 7.08
N ALA B 167 -1.99 -14.40 6.06
CA ALA B 167 -0.76 -14.76 5.39
C ALA B 167 0.45 -14.71 6.33
N TRP B 168 0.55 -13.64 7.10
CA TRP B 168 1.55 -13.58 8.14
C TRP B 168 1.45 -14.72 9.12
N HIS B 169 0.24 -15.09 9.52
N HIS B 169 0.23 -15.07 9.53
CA HIS B 169 0.12 -16.22 10.44
CA HIS B 169 0.05 -16.24 10.41
C HIS B 169 0.58 -17.55 9.79
C HIS B 169 0.67 -17.48 9.76
N ASP B 170 0.29 -17.74 8.50
CA ASP B 170 0.69 -18.96 7.82
C ASP B 170 2.18 -18.96 7.61
N TYR B 171 2.77 -17.80 7.30
CA TYR B 171 4.22 -17.72 7.12
C TYR B 171 4.96 -18.13 8.39
N GLN B 172 4.49 -17.65 9.53
CA GLN B 172 5.11 -18.00 10.81
C GLN B 172 4.94 -19.47 11.10
N ASN B 173 3.77 -20.01 10.81
N ASN B 173 3.76 -19.98 10.77
CA ASN B 173 3.50 -21.41 11.10
CA ASN B 173 3.38 -21.36 11.01
C ASN B 173 4.28 -22.32 10.13
C ASN B 173 4.20 -22.31 10.12
N LEU B 174 4.26 -21.98 8.85
CA LEU B 174 4.77 -22.86 7.85
C LEU B 174 6.26 -22.70 7.58
N ILE B 175 6.76 -21.48 7.58
CA ILE B 175 8.07 -21.18 6.98
C ILE B 175 9.15 -21.04 8.05
N ILE B 176 8.82 -20.32 9.10
CA ILE B 176 9.80 -20.03 10.13
C ILE B 176 10.43 -21.26 10.86
N PRO B 177 9.64 -22.31 11.20
CA PRO B 177 10.33 -23.43 11.89
C PRO B 177 11.51 -23.96 11.12
N GLY B 178 11.36 -24.18 9.84
CA GLY B 178 12.45 -24.63 9.03
C GLY B 178 13.59 -23.65 8.98
N LEU B 179 13.29 -22.38 8.75
CA LEU B 179 14.37 -21.39 8.57
C LEU B 179 15.28 -21.35 9.77
N GLN B 180 14.71 -21.56 10.95
CA GLN B 180 15.49 -21.57 12.18
C GLN B 180 16.34 -22.82 12.36
N LYS B 181 15.90 -23.93 11.77
CA LYS B 181 16.57 -25.19 11.92
C LYS B 181 17.65 -25.45 10.92
N GLU B 182 17.67 -24.74 9.78
CA GLU B 182 18.51 -25.22 8.67
C GLU B 182 19.98 -25.29 9.06
N ASP B 183 20.71 -26.28 8.56
CA ASP B 183 22.16 -26.40 8.85
C ASP B 183 22.80 -25.50 7.79
N LYS B 184 23.13 -24.30 8.22
CA LYS B 184 23.48 -23.25 7.32
C LYS B 184 24.69 -23.59 6.45
N THR B 185 25.71 -24.14 7.08
CA THR B 185 26.94 -24.52 6.34
C THR B 185 26.58 -25.56 5.28
N PHE B 186 25.73 -26.51 5.67
CA PHE B 186 25.27 -27.52 4.72
C PHE B 186 24.55 -26.87 3.53
N ILE B 187 23.65 -25.94 3.80
CA ILE B 187 22.87 -25.33 2.71
C ILE B 187 23.80 -24.55 1.75
N ASP B 188 24.74 -23.82 2.35
CA ASP B 188 25.66 -23.00 1.54
C ASP B 188 26.44 -23.89 0.60
N GLN B 189 26.95 -25.00 1.12
CA GLN B 189 27.82 -25.89 0.35
C GLN B 189 26.96 -26.61 -0.69
N LEU B 190 25.74 -26.97 -0.28
CA LEU B 190 24.82 -27.62 -1.20
C LEU B 190 24.57 -26.77 -2.44
N GLN B 191 24.36 -25.47 -2.22
CA GLN B 191 24.07 -24.57 -3.33
C GLN B 191 25.29 -24.35 -4.22
N ASN B 192 26.48 -24.79 -3.78
CA ASN B 192 27.66 -24.79 -4.67
C ASN B 192 27.66 -26.01 -5.56
N ASN B 193 26.90 -27.03 -5.18
CA ASN B 193 26.84 -28.26 -5.99
C ASN B 193 25.40 -28.69 -6.19
N TYR B 194 24.65 -27.75 -6.72
CA TYR B 194 23.20 -27.73 -6.60
C TYR B 194 22.48 -28.45 -7.71
N SER B 195 23.09 -28.43 -8.89
CA SER B 195 22.49 -29.07 -10.03
C SER B 195 22.71 -30.54 -10.03
N PHE B 196 21.74 -31.31 -10.42
CA PHE B 196 21.96 -32.71 -10.69
C PHE B 196 22.90 -32.82 -11.87
N THR B 197 23.68 -33.87 -11.90
CA THR B 197 24.49 -34.05 -13.06
C THR B 197 23.63 -34.36 -14.26
N PHE B 198 22.44 -34.91 -14.05
CA PHE B 198 21.57 -35.20 -15.18
C PHE B 198 20.43 -34.23 -15.45
N GLU B 199 20.57 -32.99 -15.00
CA GLU B 199 19.44 -32.04 -14.95
C GLU B 199 18.72 -31.87 -16.30
N GLU B 200 19.49 -31.90 -17.36
CA GLU B 200 19.01 -31.55 -18.67
C GLU B 200 18.00 -32.62 -19.16
N LYS B 201 18.17 -33.84 -18.66
CA LYS B 201 17.23 -34.92 -18.90
C LYS B 201 15.85 -34.64 -18.29
N LEU B 202 15.80 -33.96 -17.14
CA LEU B 202 14.53 -33.68 -16.48
C LEU B 202 13.73 -32.74 -17.32
N LYS B 203 14.42 -31.90 -18.10
CA LYS B 203 13.75 -30.88 -18.88
C LYS B 203 13.10 -31.53 -20.07
N ASN B 204 13.57 -32.70 -20.44
CA ASN B 204 13.09 -33.36 -21.61
C ASN B 204 12.33 -34.65 -21.40
N ILE B 205 12.11 -35.07 -20.16
CA ILE B 205 11.37 -36.29 -19.88
C ILE B 205 9.91 -36.08 -20.17
N ASN B 206 9.27 -37.04 -20.83
CA ASN B 206 7.82 -37.09 -20.94
C ASN B 206 7.29 -38.16 -19.98
N TYR B 207 6.91 -37.74 -18.79
CA TYR B 207 6.47 -38.66 -17.72
C TYR B 207 5.25 -39.46 -18.13
N GLN B 208 5.19 -40.69 -17.66
CA GLN B 208 4.10 -41.59 -18.06
C GLN B 208 3.11 -41.72 -16.93
N PHE B 209 2.81 -40.58 -16.32
CA PHE B 209 1.80 -40.49 -15.29
C PHE B 209 1.46 -39.02 -15.12
N PRO B 210 0.41 -38.73 -14.38
CA PRO B 210 0.07 -37.30 -14.13
C PRO B 210 1.20 -36.49 -13.49
N PHE B 211 1.44 -35.30 -14.06
CA PHE B 211 2.55 -34.42 -13.68
C PHE B 211 1.98 -32.99 -13.70
N LYS B 212 1.68 -32.46 -12.52
CA LYS B 212 0.89 -31.27 -12.38
C LYS B 212 1.71 -30.23 -11.65
N ILE B 213 1.78 -29.02 -12.20
CA ILE B 213 2.62 -27.96 -11.61
C ILE B 213 1.72 -26.78 -11.35
N VAL B 215 2.26 -22.70 -10.51
CA VAL B 215 3.27 -21.63 -10.55
C VAL B 215 2.63 -20.24 -10.43
N GLY B 216 3.38 -19.28 -9.90
CA GLY B 216 2.89 -17.90 -9.82
C GLY B 216 3.59 -16.97 -10.76
N ARG B 217 2.80 -16.02 -11.31
CA ARG B 217 3.32 -14.95 -12.15
C ARG B 217 4.39 -14.10 -11.49
N ASN B 218 4.27 -13.96 -10.18
CA ASN B 218 5.13 -13.05 -9.46
C ASN B 218 6.22 -13.74 -8.67
N ASP B 219 6.54 -14.98 -9.07
CA ASP B 219 7.59 -15.80 -8.45
C ASP B 219 8.94 -15.42 -9.04
N GLN B 220 9.74 -14.72 -8.22
CA GLN B 220 11.04 -14.21 -8.62
C GLN B 220 12.16 -15.22 -8.30
N VAL B 221 11.79 -16.37 -7.74
CA VAL B 221 12.76 -17.38 -7.33
C VAL B 221 12.86 -18.45 -8.46
N VAL B 222 11.72 -18.97 -8.91
CA VAL B 222 11.65 -19.95 -9.98
C VAL B 222 10.80 -19.57 -11.21
N GLY B 223 10.03 -18.50 -11.13
CA GLY B 223 9.27 -18.06 -12.26
C GLY B 223 8.23 -19.07 -12.69
N TYR B 224 7.90 -19.03 -13.96
CA TYR B 224 6.81 -19.79 -14.54
C TYR B 224 7.12 -20.33 -15.95
N GLN B 225 8.05 -19.70 -16.66
CA GLN B 225 8.23 -19.89 -18.10
C GLN B 225 8.79 -21.24 -18.39
N GLU B 226 9.79 -21.66 -17.57
CA GLU B 226 10.44 -22.95 -17.76
C GLU B 226 9.43 -24.02 -17.46
N GLN B 227 8.61 -23.77 -16.45
CA GLN B 227 7.61 -24.73 -16.04
C GLN B 227 6.54 -24.92 -17.13
N LEU B 228 6.16 -23.82 -17.77
CA LEU B 228 5.20 -23.82 -18.81
C LEU B 228 5.73 -24.67 -19.99
N LYS B 229 7.00 -24.40 -20.36
CA LYS B 229 7.72 -25.16 -21.40
C LYS B 229 7.73 -26.67 -21.10
N LEU B 230 7.80 -27.04 -19.84
CA LEU B 230 7.85 -28.43 -19.45
C LEU B 230 6.50 -29.15 -19.70
N ILE B 231 5.43 -28.44 -19.37
CA ILE B 231 4.07 -29.01 -19.39
C ILE B 231 3.70 -29.36 -20.79
N ASN B 232 4.25 -28.58 -21.69
CA ASN B 232 3.90 -28.66 -23.08
C ASN B 232 4.12 -30.05 -23.64
N HIS B 233 5.38 -30.52 -23.49
CA HIS B 233 5.84 -31.83 -24.01
C HIS B 233 5.53 -33.04 -23.11
N ASN B 234 4.83 -32.82 -22.02
CA ASN B 234 4.52 -33.86 -21.12
C ASN B 234 3.09 -34.22 -21.40
N GLU B 235 2.88 -35.42 -21.93
CA GLU B 235 1.57 -35.85 -22.42
C GLU B 235 0.53 -35.86 -21.31
N ASN B 236 0.96 -36.08 -20.09
CA ASN B 236 0.10 -36.04 -18.92
C ASN B 236 0.37 -34.78 -18.03
N GLY B 237 0.99 -33.76 -18.62
CA GLY B 237 1.35 -32.50 -17.93
C GLY B 237 0.18 -31.55 -17.75
N GLU B 238 0.03 -31.08 -16.52
CA GLU B 238 -1.05 -30.19 -16.07
C GLU B 238 -0.36 -28.99 -15.44
N ILE B 239 -0.88 -27.78 -15.69
CA ILE B 239 -0.36 -26.57 -15.09
C ILE B 239 -1.46 -25.59 -14.69
N VAL B 240 -1.21 -24.90 -13.56
CA VAL B 240 -2.00 -23.83 -13.08
C VAL B 240 -1.06 -22.67 -12.86
N LEU B 241 -1.21 -21.63 -13.72
CA LEU B 241 -0.47 -20.40 -13.61
C LEU B 241 -1.38 -19.26 -13.22
N LEU B 242 -1.12 -18.70 -12.03
CA LEU B 242 -1.90 -17.59 -11.48
C LEU B 242 -1.17 -16.27 -11.26
N ASN B 243 -1.90 -15.18 -11.54
CA ASN B 243 -1.50 -13.86 -11.14
C ASN B 243 -1.60 -13.76 -9.62
N ARG B 244 -0.96 -12.70 -9.10
CA ARG B 244 -1.02 -12.29 -7.69
C ARG B 244 -0.50 -13.43 -6.81
N THR B 245 0.54 -14.09 -7.30
CA THR B 245 1.06 -15.29 -6.66
C THR B 245 2.53 -15.33 -6.89
N GLY B 246 3.24 -15.69 -5.84
CA GLY B 246 4.65 -15.77 -5.86
C GLY B 246 5.11 -17.11 -5.35
N HIS B 247 6.32 -17.12 -4.80
CA HIS B 247 7.01 -18.36 -4.49
C HIS B 247 6.39 -19.07 -3.28
N ASN B 248 5.75 -18.35 -2.40
CA ASN B 248 4.96 -18.93 -1.32
C ASN B 248 3.50 -19.11 -1.75
N LEU B 249 3.37 -19.82 -2.85
CA LEU B 249 2.11 -19.98 -3.49
C LEU B 249 1.10 -20.63 -2.59
N ILE B 251 0.58 -19.99 0.37
CA ILE B 251 -0.01 -18.98 1.26
C ILE B 251 -0.82 -17.95 0.46
N ASP B 252 -0.25 -17.47 -0.63
CA ASP B 252 -0.96 -16.58 -1.54
C ASP B 252 -2.31 -17.27 -1.92
N GLN B 253 -2.27 -18.58 -2.27
CA GLN B 253 -3.39 -19.24 -2.95
C GLN B 253 -3.74 -20.54 -2.24
N ARG B 254 -3.96 -20.41 -0.95
CA ARG B 254 -4.20 -21.57 -0.09
C ARG B 254 -5.30 -22.47 -0.65
N GLU B 255 -6.42 -21.85 -0.97
CA GLU B 255 -7.57 -22.50 -1.55
C GLU B 255 -7.25 -23.21 -2.88
N ALA B 256 -6.57 -22.53 -3.78
CA ALA B 256 -6.24 -23.12 -5.05
C ALA B 256 -5.43 -24.39 -4.92
N VAL B 257 -4.42 -24.35 -4.08
CA VAL B 257 -3.58 -25.50 -3.83
C VAL B 257 -4.39 -26.68 -3.28
N GLY B 258 -5.14 -26.48 -2.21
CA GLY B 258 -6.03 -27.51 -1.67
C GLY B 258 -6.95 -28.14 -2.74
N PHE B 259 -7.63 -27.26 -3.49
CA PHE B 259 -8.55 -27.68 -4.53
C PHE B 259 -7.85 -28.56 -5.58
N HIS B 260 -6.77 -28.03 -6.11
CA HIS B 260 -6.00 -28.70 -7.13
C HIS B 260 -5.28 -29.91 -6.63
N PHE B 261 -4.92 -29.97 -5.35
CA PHE B 261 -4.35 -31.20 -4.79
C PHE B 261 -5.39 -32.30 -4.76
N ASP B 262 -6.58 -31.99 -4.22
CA ASP B 262 -7.66 -32.95 -4.29
C ASP B 262 -8.04 -33.42 -5.70
N LEU B 263 -8.17 -32.50 -6.65
CA LEU B 263 -8.43 -32.86 -8.03
C LEU B 263 -7.36 -33.81 -8.58
N PHE B 264 -6.09 -33.54 -8.23
CA PHE B 264 -5.00 -34.41 -8.62
C PHE B 264 -5.18 -35.81 -8.04
N LEU B 265 -5.48 -35.90 -6.75
CA LEU B 265 -5.67 -37.21 -6.16
C LEU B 265 -6.81 -37.95 -6.83
N ASP B 266 -7.84 -37.22 -7.26
CA ASP B 266 -8.93 -37.81 -8.06
C ASP B 266 -8.53 -38.36 -9.43
N GLU B 267 -7.59 -37.74 -10.14
CA GLU B 267 -7.07 -38.33 -11.38
C GLU B 267 -6.55 -39.73 -11.13
N LEU B 268 -5.75 -39.87 -10.09
CA LEU B 268 -5.06 -41.12 -9.79
C LEU B 268 -6.05 -42.14 -9.26
N ASN B 269 -7.14 -41.67 -8.69
CA ASN B 269 -8.20 -42.48 -8.05
C ASN B 269 -7.98 -42.58 -6.58
N LYS C 5 -5.26 37.99 -16.29
CA LYS C 5 -6.60 38.47 -16.41
C LYS C 5 -7.27 38.46 -15.04
N GLU C 6 -8.07 39.48 -14.76
CA GLU C 6 -8.86 39.54 -13.55
C GLU C 6 -10.27 39.22 -13.99
N TYR C 7 -10.98 38.45 -13.18
CA TYR C 7 -12.24 37.85 -13.49
C TYR C 7 -13.24 38.41 -12.51
N LEU C 8 -14.51 38.25 -12.84
CA LEU C 8 -15.60 38.67 -11.99
C LEU C 8 -16.67 37.65 -12.12
N THR C 9 -17.19 37.16 -11.00
CA THR C 9 -18.32 36.26 -11.07
C THR C 9 -19.66 37.01 -11.29
N ARG C 10 -20.72 36.27 -11.58
CA ARG C 10 -22.07 36.84 -11.62
C ARG C 10 -22.44 37.35 -10.26
N SER C 11 -21.80 36.81 -9.22
CA SER C 11 -21.99 37.24 -7.83
C SER C 11 -21.14 38.44 -7.43
N ASN C 12 -20.47 39.04 -8.41
CA ASN C 12 -19.68 40.23 -8.18
C ASN C 12 -18.55 40.03 -7.18
N ILE C 13 -17.91 38.90 -7.31
CA ILE C 13 -16.68 38.62 -6.55
C ILE C 13 -15.57 38.70 -7.60
N SER C 14 -14.62 39.61 -7.38
CA SER C 14 -13.42 39.77 -8.19
C SER C 14 -12.40 38.69 -7.86
N TYR C 15 -11.73 38.12 -8.86
CA TYR C 15 -10.72 37.10 -8.59
C TYR C 15 -9.67 36.93 -9.65
N PHE C 16 -8.57 36.32 -9.24
CA PHE C 16 -7.57 35.86 -10.19
C PHE C 16 -7.70 34.35 -10.14
N SER C 17 -7.38 33.71 -11.27
CA SER C 17 -7.35 32.25 -11.31
C SER C 17 -6.17 31.85 -12.15
N ILE C 18 -5.16 31.22 -11.53
CA ILE C 18 -3.93 30.86 -12.25
C ILE C 18 -3.65 29.36 -12.19
N GLY C 19 -3.43 28.81 -13.38
CA GLY C 19 -3.00 27.45 -13.56
C GLY C 19 -4.09 26.44 -13.73
N SER C 20 -3.70 25.19 -13.74
CA SER C 20 -4.66 24.14 -13.92
C SER C 20 -4.48 23.08 -12.91
N GLY C 21 -5.56 22.45 -12.54
CA GLY C 21 -5.44 21.35 -11.63
C GLY C 21 -6.34 21.45 -10.45
N THR C 22 -5.92 20.87 -9.35
CA THR C 22 -6.76 20.86 -8.20
C THR C 22 -6.90 22.32 -7.79
N PRO C 23 -8.07 22.77 -7.45
CA PRO C 23 -8.22 24.16 -7.09
C PRO C 23 -7.87 24.48 -5.65
N ILE C 24 -7.12 25.54 -5.48
CA ILE C 24 -6.94 26.20 -4.20
C ILE C 24 -7.66 27.54 -4.12
N ILE C 25 -8.59 27.66 -3.18
CA ILE C 25 -9.31 28.90 -2.96
C ILE C 25 -8.66 29.67 -1.82
N PHE C 26 -8.09 30.82 -2.11
CA PHE C 26 -7.43 31.70 -1.16
C PHE C 26 -8.32 32.88 -0.70
N LEU C 27 -8.52 32.96 0.60
CA LEU C 27 -9.26 34.03 1.20
C LEU C 27 -8.42 34.93 2.09
N HIS C 28 -8.48 36.22 1.85
CA HIS C 28 -7.61 37.18 2.57
C HIS C 28 -8.22 37.75 3.82
N GLY C 29 -7.44 38.52 4.55
CA GLY C 29 -7.93 39.08 5.80
C GLY C 29 -8.85 40.28 5.67
N LEU C 30 -9.48 40.68 6.76
CA LEU C 30 -10.30 41.86 6.74
C LEU C 30 -9.50 43.13 6.37
N SER C 31 -10.03 43.89 5.43
CA SER C 31 -9.43 45.14 4.97
C SER C 31 -8.33 44.93 3.92
N LEU C 32 -7.95 43.70 3.71
CA LEU C 32 -6.91 43.39 2.73
C LEU C 32 -7.60 43.09 1.39
N ASP C 33 -6.84 42.65 0.40
CA ASP C 33 -7.44 42.17 -0.80
C ASP C 33 -6.61 41.01 -1.38
N LYS C 34 -6.93 40.58 -2.58
CA LYS C 34 -6.32 39.41 -3.17
C LYS C 34 -4.87 39.67 -3.64
N GLN C 35 -4.39 40.94 -3.58
CA GLN C 35 -2.96 41.18 -3.73
C GLN C 35 -2.21 40.56 -2.53
N SER C 36 -2.82 40.53 -1.36
CA SER C 36 -2.16 40.00 -0.18
C SER C 36 -1.88 38.50 -0.29
N THR C 37 -2.81 37.79 -0.89
CA THR C 37 -2.66 36.39 -1.11
C THR C 37 -1.89 36.10 -2.40
N LEU C 39 0.23 37.82 -4.25
CA LEU C 39 1.64 38.27 -4.38
C LEU C 39 2.55 37.48 -3.44
N PHE C 40 1.95 36.89 -2.40
CA PHE C 40 2.65 36.06 -1.48
C PHE C 40 2.81 34.65 -1.94
N PHE C 41 1.70 33.99 -2.39
CA PHE C 41 1.84 32.60 -2.74
C PHE C 41 2.41 32.30 -4.10
N GLU C 42 2.20 33.12 -5.12
CA GLU C 42 2.64 32.79 -6.47
C GLU C 42 4.15 32.60 -6.63
N PRO C 43 4.93 33.36 -5.90
CA PRO C 43 6.38 33.19 -5.84
C PRO C 43 6.88 32.08 -4.94
N LEU C 44 6.38 32.00 -3.72
CA LEU C 44 6.69 30.89 -2.81
C LEU C 44 5.79 29.76 -3.23
N SER C 45 6.14 29.07 -4.30
CA SER C 45 5.14 28.17 -4.87
C SER C 45 5.65 26.75 -5.14
N ASN C 46 4.99 25.80 -4.52
CA ASN C 46 4.90 24.50 -5.06
C ASN C 46 3.46 24.44 -5.43
N VAL C 47 2.97 25.55 -5.95
CA VAL C 47 1.59 25.69 -6.32
C VAL C 47 1.44 25.39 -7.82
N GLY C 48 2.56 25.21 -8.50
CA GLY C 48 2.55 25.01 -9.93
C GLY C 48 1.56 24.04 -10.53
N GLN C 49 1.29 22.91 -9.88
CA GLN C 49 0.36 21.90 -10.38
C GLN C 49 -1.10 22.11 -9.96
N TYR C 50 -1.42 23.29 -9.46
CA TYR C 50 -2.73 23.60 -8.95
C TYR C 50 -3.34 24.72 -9.72
N GLN C 51 -4.65 24.86 -9.57
CA GLN C 51 -5.37 26.05 -10.02
C GLN C 51 -5.52 26.97 -8.79
N ARG C 52 -4.83 28.12 -8.82
CA ARG C 52 -4.81 29.04 -7.71
C ARG C 52 -5.86 30.10 -7.93
N ILE C 53 -6.85 30.14 -7.03
CA ILE C 53 -7.95 31.08 -7.12
C ILE C 53 -7.89 32.04 -5.92
N TYR C 54 -7.64 33.30 -6.23
CA TYR C 54 -7.50 34.39 -5.22
C TYR C 54 -8.70 35.31 -5.30
N LEU C 55 -9.60 35.22 -4.31
CA LEU C 55 -10.88 35.93 -4.28
C LEU C 55 -10.67 37.22 -3.49
N ASP C 56 -11.35 38.29 -3.91
CA ASP C 56 -11.54 39.48 -3.11
C ASP C 56 -12.85 39.26 -2.43
N LEU C 57 -12.85 39.36 -1.10
CA LEU C 57 -14.09 39.37 -0.33
C LEU C 57 -14.98 40.60 -0.67
N PRO C 58 -16.29 40.44 -0.56
CA PRO C 58 -17.23 41.55 -0.69
C PRO C 58 -16.79 42.76 0.10
N GLY C 59 -16.92 43.93 -0.51
CA GLY C 59 -16.63 45.16 0.16
C GLY C 59 -15.15 45.40 0.23
N GLY C 61 -11.18 44.91 -1.96
CA GLY C 61 -10.60 44.82 -3.28
C GLY C 61 -11.54 45.36 -4.36
N ASN C 62 -11.73 44.61 -5.45
CA ASN C 62 -12.65 44.99 -6.48
C ASN C 62 -13.93 44.19 -6.44
N SER C 63 -14.26 43.60 -5.29
CA SER C 63 -15.55 42.96 -5.13
C SER C 63 -16.52 43.97 -4.52
N ASP C 64 -17.74 44.02 -5.05
CA ASP C 64 -18.76 44.92 -4.58
C ASP C 64 -19.18 44.58 -3.13
N PRO C 65 -19.58 45.57 -2.36
CA PRO C 65 -20.27 45.34 -1.08
C PRO C 65 -21.64 44.72 -1.27
N ILE C 66 -22.20 44.23 -0.18
CA ILE C 66 -23.44 43.44 -0.24
C ILE C 66 -24.41 43.84 0.86
N SER C 67 -25.69 43.52 0.63
CA SER C 67 -26.77 43.75 1.61
C SER C 67 -27.59 42.51 1.73
N PRO C 68 -27.88 42.11 2.97
CA PRO C 68 -27.35 42.78 4.15
C PRO C 68 -25.83 42.57 4.34
N SER C 69 -25.26 43.36 5.23
CA SER C 69 -23.84 43.43 5.44
C SER C 69 -23.59 42.58 6.73
N THR C 70 -23.66 41.27 6.54
CA THR C 70 -23.48 40.31 7.61
C THR C 70 -22.51 39.23 7.10
N SER C 71 -21.79 38.62 8.03
CA SER C 71 -20.94 37.49 7.70
C SER C 71 -21.71 36.31 7.06
N ASP C 72 -22.95 36.04 7.52
CA ASP C 72 -23.73 34.98 6.90
C ASP C 72 -23.88 35.23 5.42
N ASN C 73 -24.02 36.50 5.04
CA ASN C 73 -24.28 36.80 3.67
C ASN C 73 -22.96 36.86 2.93
N VAL C 74 -21.89 37.27 3.62
CA VAL C 74 -20.53 37.16 3.01
C VAL C 74 -20.26 35.70 2.58
N LEU C 75 -20.57 34.78 3.49
CA LEU C 75 -20.46 33.33 3.26
C LEU C 75 -21.29 32.90 2.05
N GLU C 76 -22.57 33.23 2.07
CA GLU C 76 -23.44 32.92 0.94
C GLU C 76 -22.90 33.38 -0.40
N THR C 77 -22.44 34.61 -0.48
CA THR C 77 -21.82 35.15 -1.68
C THR C 77 -20.65 34.29 -2.10
N LEU C 78 -19.84 33.89 -1.14
CA LEU C 78 -18.66 33.12 -1.46
C LEU C 78 -18.99 31.72 -1.95
N ILE C 79 -20.00 31.11 -1.39
CA ILE C 79 -20.45 29.83 -1.86
C ILE C 79 -20.97 29.90 -3.28
N GLU C 80 -21.76 30.90 -3.59
CA GLU C 80 -22.15 31.18 -4.95
C GLU C 80 -20.94 31.32 -5.86
N ALA C 81 -20.01 32.18 -5.51
CA ALA C 81 -18.80 32.35 -6.28
C ALA C 81 -18.06 31.05 -6.56
N ILE C 82 -17.85 30.26 -5.53
CA ILE C 82 -17.11 29.00 -5.71
C ILE C 82 -17.86 28.10 -6.67
N GLU C 83 -19.14 27.87 -6.40
CA GLU C 83 -19.94 27.05 -7.32
C GLU C 83 -19.86 27.55 -8.74
N GLU C 84 -19.80 28.85 -8.95
CA GLU C 84 -19.67 29.31 -10.34
C GLU C 84 -18.28 28.98 -10.91
N ILE C 85 -17.23 29.15 -10.10
CA ILE C 85 -15.86 29.11 -10.64
C ILE C 85 -15.45 27.65 -10.81
N ILE C 86 -15.79 26.78 -9.86
CA ILE C 86 -15.32 25.38 -9.91
C ILE C 86 -16.43 24.31 -9.84
N GLY C 87 -17.68 24.75 -9.78
CA GLY C 87 -18.75 23.83 -9.58
C GLY C 87 -18.52 22.93 -8.40
N ALA C 88 -18.46 21.63 -8.71
CA ALA C 88 -18.52 20.52 -7.75
C ALA C 88 -17.12 19.93 -7.53
N ARG C 89 -16.13 20.45 -8.26
CA ARG C 89 -14.77 19.99 -8.13
C ARG C 89 -14.34 20.06 -6.67
N ARG C 90 -13.57 19.07 -6.23
CA ARG C 90 -13.04 19.07 -4.86
C ARG C 90 -11.95 20.15 -4.78
N PHE C 91 -11.81 20.79 -3.65
CA PHE C 91 -10.90 21.94 -3.54
C PHE C 91 -10.22 22.01 -2.16
N ILE C 92 -9.14 22.77 -2.16
CA ILE C 92 -8.33 23.11 -0.98
C ILE C 92 -8.60 24.57 -0.56
N LEU C 93 -8.67 24.83 0.74
CA LEU C 93 -8.95 26.16 1.22
C LEU C 93 -7.78 26.74 1.99
N TYR C 94 -7.47 27.99 1.68
CA TYR C 94 -6.58 28.84 2.47
C TYR C 94 -7.32 30.03 2.97
N GLY C 95 -7.13 30.34 4.25
CA GLY C 95 -7.73 31.54 4.85
C GLY C 95 -6.82 32.25 5.88
N HIS C 96 -6.69 33.55 5.75
CA HIS C 96 -6.09 34.42 6.74
C HIS C 96 -7.11 35.27 7.52
N SER C 97 -7.04 35.20 8.83
CA SER C 97 -7.85 36.05 9.68
C SER C 97 -9.34 35.95 9.38
N TYR C 98 -10.01 37.03 9.06
CA TYR C 98 -11.43 36.93 8.72
C TYR C 98 -11.64 35.95 7.56
N GLY C 99 -10.74 35.95 6.59
CA GLY C 99 -10.80 34.92 5.57
C GLY C 99 -10.73 33.48 6.09
N GLY C 100 -10.00 33.25 7.18
CA GLY C 100 -9.92 31.90 7.70
C GLY C 100 -11.19 31.56 8.47
N TYR C 101 -11.88 32.52 9.02
CA TYR C 101 -13.21 32.34 9.62
C TYR C 101 -14.20 31.86 8.54
N LEU C 102 -14.19 32.55 7.41
CA LEU C 102 -14.98 32.17 6.26
C LEU C 102 -14.60 30.78 5.74
N ALA C 103 -13.32 30.53 5.58
CA ALA C 103 -12.82 29.20 5.20
C ALA C 103 -13.44 28.11 6.09
N GLN C 104 -13.36 28.28 7.38
CA GLN C 104 -13.97 27.32 8.27
C GLN C 104 -15.44 27.10 7.91
N ALA C 105 -16.18 28.18 7.73
CA ALA C 105 -17.58 28.11 7.34
C ALA C 105 -17.78 27.38 6.03
N ILE C 106 -16.95 27.65 5.06
CA ILE C 106 -17.06 27.00 3.79
C ILE C 106 -16.84 25.50 3.91
N ALA C 107 -15.85 25.10 4.66
CA ALA C 107 -15.50 23.72 4.77
C ALA C 107 -16.62 23.03 5.54
N PHE C 108 -17.27 23.74 6.42
CA PHE C 108 -18.34 23.16 7.16
C PHE C 108 -19.54 22.91 6.26
N HIS C 109 -19.83 23.85 5.42
CA HIS C 109 -20.91 23.81 4.47
C HIS C 109 -20.70 22.89 3.27
N LEU C 110 -19.49 22.87 2.71
CA LEU C 110 -19.13 22.03 1.58
C LEU C 110 -18.17 20.90 2.03
N LYS C 111 -18.56 20.20 3.08
CA LYS C 111 -17.72 19.22 3.77
C LYS C 111 -17.25 18.10 2.86
N ASP C 112 -18.14 17.62 1.98
CA ASP C 112 -17.78 16.60 1.01
C ASP C 112 -16.91 17.13 -0.14
N GLN C 113 -16.87 18.43 -0.39
CA GLN C 113 -15.97 18.98 -1.46
C GLN C 113 -14.60 19.47 -1.02
N THR C 114 -14.43 19.57 0.28
CA THR C 114 -13.25 20.24 0.83
C THR C 114 -12.19 19.20 1.04
N LEU C 115 -11.03 19.38 0.42
CA LEU C 115 -9.95 18.43 0.60
C LEU C 115 -9.08 18.75 1.83
N GLY C 116 -9.16 19.96 2.32
CA GLY C 116 -8.11 20.46 3.21
C GLY C 116 -8.28 21.94 3.52
N VAL C 117 -7.92 22.34 4.74
CA VAL C 117 -8.00 23.74 5.18
C VAL C 117 -6.69 24.16 5.86
N PHE C 118 -6.11 25.25 5.36
CA PHE C 118 -4.92 25.88 5.86
C PHE C 118 -5.24 27.32 6.26
N LEU C 119 -5.03 27.63 7.53
CA LEU C 119 -5.39 28.91 8.12
C LEU C 119 -4.25 29.61 8.77
N THR C 120 -4.13 30.90 8.53
CA THR C 120 -3.18 31.71 9.23
C THR C 120 -3.89 32.73 10.09
N CYS C 121 -3.56 32.78 11.34
CA CYS C 121 -4.14 33.72 12.27
C CYS C 121 -5.69 33.82 12.16
N PRO C 122 -6.37 32.71 12.07
CA PRO C 122 -7.79 32.71 11.87
C PRO C 122 -8.66 33.36 13.01
N VAL C 123 -9.64 34.15 12.62
CA VAL C 123 -10.77 34.45 13.52
C VAL C 123 -11.52 33.18 13.77
N ILE C 124 -11.87 32.92 15.03
CA ILE C 124 -12.61 31.76 15.45
C ILE C 124 -13.84 32.24 16.19
N THR C 125 -13.63 33.15 17.15
CA THR C 125 -14.73 33.90 17.81
C THR C 125 -14.75 35.31 17.18
N ALA C 126 -15.80 35.63 16.45
CA ALA C 126 -15.89 36.94 15.71
C ALA C 126 -15.90 38.13 16.68
N ASP C 127 -16.64 37.97 17.79
CA ASP C 127 -16.82 39.04 18.79
C ASP C 127 -15.51 39.40 19.45
N HIS C 128 -14.99 40.58 19.11
CA HIS C 128 -13.69 40.98 19.60
C HIS C 128 -13.58 40.95 21.10
N SER C 129 -14.69 41.26 21.77
CA SER C 129 -14.69 41.40 23.22
C SER C 129 -14.62 40.04 23.94
N LYS C 130 -14.88 38.96 23.22
CA LYS C 130 -14.81 37.62 23.78
C LYS C 130 -13.53 36.88 23.41
N ARG C 131 -12.69 37.44 22.54
CA ARG C 131 -11.49 36.72 22.11
C ARG C 131 -10.42 36.65 23.17
N LEU C 132 -9.67 35.54 23.18
CA LEU C 132 -8.41 35.43 23.93
C LEU C 132 -7.28 35.84 22.96
N THR C 133 -6.54 36.88 23.33
CA THR C 133 -5.57 37.47 22.44
C THR C 133 -4.21 37.56 23.12
N GLY C 134 -3.17 37.71 22.31
CA GLY C 134 -1.81 37.79 22.78
C GLY C 134 -1.42 39.23 23.03
N LYS C 135 -0.23 39.44 23.53
CA LYS C 135 0.30 40.77 23.67
C LYS C 135 1.24 41.12 22.52
N HIS C 136 0.99 42.24 21.85
CA HIS C 136 1.85 42.67 20.73
C HIS C 136 3.19 43.23 21.23
N ILE C 137 4.22 43.03 20.45
CA ILE C 137 5.55 43.53 20.78
C ILE C 137 6.20 43.87 19.45
N ASN C 138 7.29 44.62 19.46
CA ASN C 138 8.17 44.70 18.29
C ASN C 138 9.52 44.13 18.58
N ILE C 139 10.14 43.54 17.55
CA ILE C 139 11.54 43.15 17.60
C ILE C 139 12.15 44.08 16.57
N LEU C 140 12.90 45.04 17.06
CA LEU C 140 13.42 46.15 16.23
C LEU C 140 14.77 45.82 15.68
N GLU C 141 14.80 45.17 14.53
CA GLU C 141 16.04 44.65 14.01
C GLU C 141 16.87 45.68 13.29
N GLU C 142 16.23 46.61 12.58
CA GLU C 142 16.93 47.65 11.79
C GLU C 142 16.15 48.93 11.94
N ASP C 143 16.82 50.06 11.72
CA ASP C 143 16.14 51.34 11.55
C ASP C 143 15.51 51.40 10.18
N ILE C 144 14.31 51.94 10.15
CA ILE C 144 13.58 52.15 8.90
C ILE C 144 13.30 53.64 8.88
N ASN C 145 13.66 54.26 7.78
CA ASN C 145 13.35 55.65 7.58
C ASN C 145 12.42 55.72 6.38
N PRO C 146 11.10 55.63 6.61
CA PRO C 146 10.23 55.49 5.42
C PRO C 146 10.24 56.73 4.52
N VAL C 147 10.26 56.53 3.22
CA VAL C 147 10.02 57.61 2.26
C VAL C 147 8.56 57.57 1.75
N GLU C 148 8.18 56.51 1.05
CA GLU C 148 6.79 56.40 0.54
C GLU C 148 5.91 55.86 1.66
N ASN C 149 4.60 56.08 1.56
CA ASN C 149 3.63 55.46 2.47
C ASN C 149 3.82 55.73 3.93
N LYS C 150 4.33 56.91 4.26
CA LYS C 150 4.63 57.21 5.65
C LYS C 150 3.40 57.17 6.50
N GLU C 151 2.26 57.51 5.90
CA GLU C 151 1.02 57.54 6.68
C GLU C 151 0.55 56.13 7.11
N TYR C 152 1.07 55.09 6.44
CA TYR C 152 0.78 53.68 6.79
C TYR C 152 1.77 53.09 7.82
N PHE C 153 2.83 53.81 8.13
CA PHE C 153 3.88 53.26 8.96
C PHE C 153 3.42 52.92 10.39
N ALA C 154 2.56 53.76 10.97
CA ALA C 154 2.04 53.50 12.32
C ALA C 154 1.46 52.10 12.36
N ASP C 155 0.51 51.83 11.49
CA ASP C 155 -0.17 50.54 11.58
C ASP C 155 0.74 49.37 11.27
N PHE C 156 1.74 49.53 10.41
CA PHE C 156 2.77 48.55 10.27
C PHE C 156 3.46 48.25 11.61
N LEU C 157 4.00 49.28 12.28
CA LEU C 157 4.58 49.12 13.61
C LEU C 157 3.63 48.53 14.65
N SER C 158 2.40 48.93 14.56
CA SER C 158 1.41 48.45 15.50
C SER C 158 0.99 47.00 15.29
N ASN C 160 2.87 44.52 12.74
CA ASN C 160 4.00 43.67 12.56
C ASN C 160 4.83 43.57 13.85
N VAL C 161 5.56 42.47 13.97
CA VAL C 161 6.38 42.21 15.15
C VAL C 161 7.84 42.38 14.81
N ILE C 162 8.27 41.66 13.80
CA ILE C 162 9.62 41.81 13.31
C ILE C 162 9.73 43.01 12.41
N ILE C 163 10.44 44.04 12.91
CA ILE C 163 10.61 45.29 12.21
C ILE C 163 11.98 45.40 11.59
N ASN C 164 12.00 45.29 10.27
CA ASN C 164 13.16 45.55 9.44
C ASN C 164 12.67 46.09 8.08
N ASN C 165 13.60 46.43 7.19
CA ASN C 165 13.27 46.99 5.92
C ASN C 165 12.51 46.07 4.99
N GLN C 166 12.88 44.80 4.98
CA GLN C 166 12.16 43.81 4.22
C GLN C 166 10.70 43.73 4.72
N ALA C 167 10.50 43.74 6.03
CA ALA C 167 9.13 43.69 6.58
C ALA C 167 8.30 44.91 6.08
N TRP C 168 8.94 46.08 5.98
CA TRP C 168 8.26 47.29 5.54
C TRP C 168 7.96 47.21 4.06
N HIS C 169 8.89 46.73 3.25
CA HIS C 169 8.60 46.49 1.85
C HIS C 169 7.47 45.49 1.62
N ASP C 170 7.53 44.38 2.31
CA ASP C 170 6.42 43.39 2.20
C ASP C 170 5.12 44.04 2.61
N TYR C 171 5.15 44.95 3.59
CA TYR C 171 3.87 45.47 4.12
C TYR C 171 3.28 46.42 3.09
N GLN C 172 4.16 47.16 2.46
CA GLN C 172 3.71 48.02 1.42
C GLN C 172 3.15 47.24 0.22
N ASN C 173 3.76 46.09 -0.14
CA ASN C 173 3.33 45.33 -1.30
C ASN C 173 2.10 44.49 -1.03
N LEU C 174 1.97 43.99 0.21
CA LEU C 174 0.88 43.07 0.55
C LEU C 174 -0.39 43.65 1.17
N ILE C 175 -0.26 44.65 2.04
CA ILE C 175 -1.32 45.13 2.94
C ILE C 175 -1.87 46.46 2.44
N ILE C 176 -0.99 47.36 1.96
CA ILE C 176 -1.49 48.65 1.57
C ILE C 176 -2.47 48.57 0.38
N PRO C 177 -2.23 47.70 -0.62
CA PRO C 177 -3.25 47.76 -1.69
C PRO C 177 -4.68 47.49 -1.20
N GLY C 178 -4.84 46.59 -0.25
CA GLY C 178 -6.12 46.31 0.33
C GLY C 178 -6.70 47.48 1.13
N LEU C 179 -5.81 48.15 1.84
CA LEU C 179 -6.19 49.31 2.64
C LEU C 179 -6.75 50.39 1.75
N GLN C 180 -6.15 50.55 0.58
CA GLN C 180 -6.55 51.59 -0.33
C GLN C 180 -7.90 51.28 -0.96
N LYS C 181 -8.26 49.98 -1.08
CA LYS C 181 -9.52 49.55 -1.77
C LYS C 181 -10.70 49.27 -0.86
N GLU C 182 -10.44 48.93 0.39
CA GLU C 182 -11.53 48.53 1.31
C GLU C 182 -12.65 49.59 1.39
N ASP C 183 -13.87 49.08 1.43
CA ASP C 183 -15.04 49.91 1.61
C ASP C 183 -15.30 49.94 3.12
N LYS C 184 -14.83 51.03 3.73
CA LYS C 184 -14.83 51.19 5.15
C LYS C 184 -16.23 51.24 5.69
N THR C 185 -17.16 51.68 4.87
CA THR C 185 -18.51 51.82 5.31
C THR C 185 -19.15 50.41 5.41
N PHE C 186 -19.03 49.59 4.38
CA PHE C 186 -19.39 48.20 4.45
C PHE C 186 -18.75 47.45 5.62
N ILE C 187 -17.44 47.61 5.80
CA ILE C 187 -16.70 46.89 6.84
C ILE C 187 -17.22 47.27 8.24
N ASP C 188 -17.45 48.57 8.42
CA ASP C 188 -17.91 49.09 9.68
C ASP C 188 -19.29 48.51 9.95
N GLN C 189 -20.15 48.41 8.93
CA GLN C 189 -21.44 47.77 9.03
C GLN C 189 -21.36 46.27 9.23
N LEU C 190 -20.48 45.63 8.48
CA LEU C 190 -20.24 44.20 8.64
C LEU C 190 -19.84 43.85 10.09
N GLN C 191 -19.12 44.74 10.75
CA GLN C 191 -18.64 44.45 12.05
C GLN C 191 -19.75 44.52 13.11
N ASN C 192 -20.94 45.02 12.72
CA ASN C 192 -22.14 44.92 13.57
C ASN C 192 -22.98 43.69 13.41
N ASN C 193 -22.75 42.90 12.36
CA ASN C 193 -23.30 41.53 12.30
C ASN C 193 -22.18 40.56 11.92
N TYR C 194 -21.16 40.52 12.75
CA TYR C 194 -19.85 39.90 12.36
C TYR C 194 -19.80 38.37 12.63
N SER C 195 -20.47 37.91 13.71
CA SER C 195 -20.52 36.48 13.97
C SER C 195 -21.46 35.78 13.01
N PHE C 196 -21.12 34.56 12.58
CA PHE C 196 -22.08 33.71 11.91
C PHE C 196 -23.16 33.37 12.91
N THR C 197 -24.33 33.09 12.36
CA THR C 197 -25.47 32.66 13.20
C THR C 197 -25.17 31.26 13.73
N PHE C 198 -24.35 30.52 13.01
CA PHE C 198 -24.02 29.16 13.44
C PHE C 198 -22.65 29.06 14.13
N GLU C 199 -22.13 30.16 14.70
CA GLU C 199 -20.71 30.20 15.02
C GLU C 199 -20.24 29.06 15.93
N GLU C 200 -21.06 28.67 16.90
CA GLU C 200 -20.63 27.63 17.83
C GLU C 200 -20.31 26.32 17.12
N LYS C 201 -21.00 26.03 16.04
CA LYS C 201 -20.82 24.77 15.37
C LYS C 201 -19.42 24.67 14.79
N LEU C 202 -18.83 25.83 14.43
CA LEU C 202 -17.46 25.90 13.93
C LEU C 202 -16.47 25.57 15.01
N LYS C 203 -16.77 26.01 16.22
CA LYS C 203 -15.88 25.74 17.32
C LYS C 203 -15.82 24.28 17.79
N ASN C 204 -16.78 23.45 17.38
CA ASN C 204 -16.81 22.06 17.80
C ASN C 204 -16.67 21.03 16.67
N ILE C 205 -16.47 21.45 15.43
CA ILE C 205 -16.41 20.51 14.33
C ILE C 205 -15.09 19.76 14.39
N ASN C 206 -15.15 18.46 14.16
CA ASN C 206 -13.99 17.65 13.93
C ASN C 206 -13.89 17.43 12.42
N TYR C 207 -13.10 18.25 11.73
CA TYR C 207 -13.05 18.16 10.29
C TYR C 207 -12.52 16.86 9.85
N GLN C 208 -13.05 16.30 8.77
CA GLN C 208 -12.54 14.98 8.38
C GLN C 208 -11.59 15.08 7.22
N PHE C 209 -10.68 16.04 7.34
CA PHE C 209 -9.61 16.21 6.37
C PHE C 209 -8.60 17.08 7.10
N PRO C 210 -7.40 17.25 6.56
CA PRO C 210 -6.34 18.03 7.21
C PRO C 210 -6.75 19.48 7.47
N PHE C 211 -6.48 19.92 8.67
CA PHE C 211 -6.95 21.23 9.13
C PHE C 211 -5.78 21.83 9.85
N LYS C 212 -5.08 22.74 9.21
CA LYS C 212 -3.79 23.20 9.68
C LYS C 212 -3.85 24.69 10.02
N ILE C 213 -3.33 25.12 11.17
CA ILE C 213 -3.37 26.48 11.63
C ILE C 213 -1.99 26.95 12.01
N VAL C 215 -0.33 30.20 14.01
CA VAL C 215 -0.64 31.31 14.89
C VAL C 215 0.58 31.85 15.54
N GLY C 216 0.44 33.05 16.09
CA GLY C 216 1.55 33.81 16.71
C GLY C 216 1.27 34.23 18.13
N ARG C 217 2.31 34.14 18.96
CA ARG C 217 2.23 34.37 20.41
C ARG C 217 1.85 35.82 20.70
N ASN C 218 2.31 36.70 19.83
CA ASN C 218 2.13 38.12 19.94
C ASN C 218 0.98 38.72 19.11
N ASP C 219 0.08 37.85 18.67
CA ASP C 219 -1.12 38.25 17.94
C ASP C 219 -2.20 38.80 18.86
N GLN C 220 -2.35 40.12 18.85
CA GLN C 220 -3.31 40.80 19.78
C GLN C 220 -4.74 40.86 19.21
N VAL C 221 -4.89 40.39 17.97
CA VAL C 221 -6.17 40.43 17.25
C VAL C 221 -6.97 39.12 17.45
N VAL C 222 -6.35 37.96 17.15
CA VAL C 222 -7.05 36.71 17.32
C VAL C 222 -6.34 35.77 18.29
N GLY C 223 -5.13 36.14 18.68
CA GLY C 223 -4.28 35.32 19.54
C GLY C 223 -3.94 33.93 19.04
N TYR C 224 -3.88 33.01 19.99
CA TYR C 224 -3.51 31.61 19.75
C TYR C 224 -4.27 30.59 20.57
N GLN C 225 -4.82 30.99 21.70
CA GLN C 225 -5.41 30.04 22.63
C GLN C 225 -6.62 29.37 22.08
N GLU C 226 -7.53 30.12 21.52
CA GLU C 226 -8.67 29.50 20.92
C GLU C 226 -8.29 28.55 19.78
N GLN C 227 -7.25 28.86 19.04
CA GLN C 227 -6.87 28.00 17.94
C GLN C 227 -6.24 26.69 18.49
N LEU C 228 -5.48 26.79 19.58
CA LEU C 228 -4.94 25.59 20.25
C LEU C 228 -6.10 24.70 20.65
N LYS C 229 -7.16 25.29 21.18
CA LYS C 229 -8.33 24.51 21.59
C LYS C 229 -9.06 23.80 20.41
N LEU C 230 -9.06 24.40 19.22
CA LEU C 230 -9.67 23.71 18.08
C LEU C 230 -8.88 22.47 17.77
N ILE C 231 -7.55 22.55 17.83
CA ILE C 231 -6.69 21.39 17.55
C ILE C 231 -7.02 20.27 18.52
N ASN C 232 -7.44 20.65 19.73
CA ASN C 232 -7.95 19.68 20.73
C ASN C 232 -8.91 18.64 20.15
N HIS C 233 -9.92 19.07 19.45
CA HIS C 233 -10.96 18.12 19.06
C HIS C 233 -10.91 17.86 17.56
N ASN C 234 -9.75 18.09 16.94
CA ASN C 234 -9.61 17.85 15.49
C ASN C 234 -8.62 16.70 15.27
N GLU C 235 -9.11 15.58 14.79
CA GLU C 235 -8.26 14.44 14.63
C GLU C 235 -7.27 14.60 13.52
N ASN C 236 -7.50 15.55 12.61
CA ASN C 236 -6.54 15.84 11.57
C ASN C 236 -5.95 17.24 11.72
N GLY C 237 -6.03 17.76 12.95
CA GLY C 237 -5.57 19.11 13.32
C GLY C 237 -4.06 19.20 13.43
N GLU C 238 -3.51 20.22 12.80
CA GLU C 238 -2.10 20.55 12.89
C GLU C 238 -1.98 22.01 13.32
N ILE C 239 -0.90 22.38 13.97
CA ILE C 239 -0.75 23.71 14.42
C ILE C 239 0.70 24.05 14.49
N VAL C 240 1.00 25.28 14.08
CA VAL C 240 2.32 25.91 14.22
C VAL C 240 2.15 27.21 15.00
N LEU C 241 2.78 27.27 16.17
CA LEU C 241 2.64 28.42 17.10
C LEU C 241 4.07 28.88 17.31
N LEU C 242 4.34 30.11 16.88
CA LEU C 242 5.68 30.64 16.97
C LEU C 242 5.75 31.93 17.82
N ASN C 243 6.85 32.08 18.52
CA ASN C 243 7.27 33.39 19.11
C ASN C 243 7.59 34.41 18.08
N ARG C 244 7.61 35.65 18.52
CA ARG C 244 8.06 36.77 17.70
C ARG C 244 7.26 36.90 16.43
N THR C 245 5.97 36.76 16.60
CA THR C 245 5.00 36.61 15.54
C THR C 245 3.67 37.15 15.94
N GLY C 246 3.13 38.02 15.10
CA GLY C 246 1.81 38.54 15.28
C GLY C 246 0.82 38.29 14.17
N HIS C 247 -0.10 39.23 14.02
CA HIS C 247 -1.23 39.01 13.11
C HIS C 247 -0.79 39.07 11.65
N ASN C 248 0.23 39.88 11.33
CA ASN C 248 0.84 39.84 9.98
C ASN C 248 1.86 38.74 9.86
N LEU C 249 1.39 37.54 10.16
CA LEU C 249 2.25 36.36 10.28
C LEU C 249 3.03 36.06 8.99
N ILE C 251 4.26 38.12 7.07
CA ILE C 251 5.40 39.02 7.00
C ILE C 251 6.43 38.70 8.08
N ASP C 252 5.99 38.52 9.30
CA ASP C 252 6.86 38.13 10.39
C ASP C 252 7.60 36.82 10.06
N GLN C 253 6.87 35.86 9.50
CA GLN C 253 7.37 34.47 9.36
C GLN C 253 7.13 34.00 7.94
N ARG C 254 7.61 34.77 6.99
CA ARG C 254 7.39 34.51 5.61
C ARG C 254 7.84 33.12 5.17
N GLU C 255 9.06 32.76 5.50
CA GLU C 255 9.62 31.44 5.16
C GLU C 255 8.78 30.35 5.76
N ALA C 256 8.44 30.50 7.02
CA ALA C 256 7.64 29.47 7.69
C ALA C 256 6.30 29.20 6.98
N VAL C 257 5.58 30.25 6.62
CA VAL C 257 4.33 30.07 5.85
C VAL C 257 4.52 29.33 4.51
N GLY C 258 5.49 29.75 3.67
CA GLY C 258 5.67 29.02 2.43
C GLY C 258 6.06 27.58 2.68
N PHE C 259 6.86 27.34 3.71
CA PHE C 259 7.33 26.01 4.03
C PHE C 259 6.13 25.15 4.45
N HIS C 260 5.36 25.68 5.37
CA HIS C 260 4.25 24.89 5.87
C HIS C 260 3.12 24.68 4.85
N PHE C 261 2.94 25.64 3.96
CA PHE C 261 1.86 25.54 2.99
C PHE C 261 2.30 24.45 1.98
N ASP C 262 3.58 24.48 1.54
CA ASP C 262 4.11 23.39 0.69
C ASP C 262 3.94 22.04 1.37
N LEU C 263 4.21 21.98 2.65
CA LEU C 263 4.11 20.72 3.36
C LEU C 263 2.67 20.20 3.37
N PHE C 264 1.75 21.10 3.62
CA PHE C 264 0.34 20.83 3.61
C PHE C 264 -0.16 20.25 2.31
N LEU C 265 0.29 20.85 1.21
CA LEU C 265 -0.11 20.41 -0.13
C LEU C 265 0.39 19.00 -0.31
N ASP C 266 1.64 18.75 0.05
CA ASP C 266 2.18 17.40 0.05
C ASP C 266 1.40 16.42 0.88
N GLU C 267 0.95 16.86 2.02
CA GLU C 267 0.13 16.05 2.87
C GLU C 267 -1.08 15.58 2.11
N LEU C 268 -1.65 16.46 1.30
CA LEU C 268 -2.92 16.21 0.61
C LEU C 268 -2.73 15.41 -0.64
N ASN C 269 -1.59 15.61 -1.27
CA ASN C 269 -1.16 14.82 -2.38
C ASN C 269 -0.62 13.49 -1.83
N GLU D 6 -35.48 -11.97 -20.81
CA GLU D 6 -35.08 -11.99 -22.21
C GLU D 6 -35.37 -10.70 -22.99
N TYR D 7 -34.39 -10.27 -23.76
CA TYR D 7 -34.39 -9.00 -24.41
C TYR D 7 -33.89 -9.19 -25.82
N LEU D 8 -34.05 -8.16 -26.64
CA LEU D 8 -33.67 -8.23 -28.04
C LEU D 8 -33.11 -6.89 -28.45
N THR D 9 -31.87 -6.83 -28.88
CA THR D 9 -31.35 -5.59 -29.36
C THR D 9 -32.01 -5.22 -30.69
N ARG D 10 -31.77 -3.99 -31.13
CA ARG D 10 -32.31 -3.50 -32.41
C ARG D 10 -31.77 -4.32 -33.57
N SER D 11 -30.58 -4.87 -33.38
CA SER D 11 -30.00 -5.85 -34.28
C SER D 11 -30.59 -7.30 -34.10
N ASN D 12 -31.55 -7.51 -33.19
CA ASN D 12 -32.06 -8.85 -32.95
C ASN D 12 -30.95 -9.83 -32.50
N ILE D 13 -30.16 -9.35 -31.57
CA ILE D 13 -29.37 -10.19 -30.76
C ILE D 13 -30.21 -10.43 -29.53
N SER D 14 -30.57 -11.67 -29.33
CA SER D 14 -31.36 -12.11 -28.16
C SER D 14 -30.41 -12.27 -26.96
N TYR D 15 -30.84 -11.87 -25.78
CA TYR D 15 -29.99 -11.98 -24.58
C TYR D 15 -30.78 -11.97 -23.31
N PHE D 16 -30.22 -12.58 -22.26
CA PHE D 16 -30.73 -12.46 -20.90
C PHE D 16 -29.81 -11.44 -20.23
N SER D 17 -30.36 -10.71 -19.27
CA SER D 17 -29.60 -9.81 -18.43
C SER D 17 -30.13 -10.00 -17.03
N ILE D 18 -29.25 -10.22 -16.07
CA ILE D 18 -29.67 -10.36 -14.69
C ILE D 18 -28.71 -9.61 -13.76
N GLY D 19 -29.28 -8.85 -12.84
CA GLY D 19 -28.52 -8.07 -11.90
C GLY D 19 -28.09 -6.69 -12.34
N SER D 20 -27.38 -6.06 -11.41
CA SER D 20 -26.88 -4.72 -11.54
C SER D 20 -25.46 -4.84 -11.09
N GLY D 21 -24.59 -3.97 -11.59
CA GLY D 21 -23.19 -3.98 -11.23
C GLY D 21 -22.35 -3.94 -12.48
N THR D 22 -21.07 -4.27 -12.34
CA THR D 22 -20.18 -4.36 -13.47
C THR D 22 -20.75 -5.41 -14.40
N PRO D 23 -20.90 -5.05 -15.67
CA PRO D 23 -21.31 -6.00 -16.67
C PRO D 23 -20.30 -7.14 -16.89
N ILE D 24 -20.83 -8.36 -16.95
CA ILE D 24 -20.08 -9.48 -17.53
C ILE D 24 -20.87 -9.95 -18.74
N ILE D 25 -20.18 -9.98 -19.85
CA ILE D 25 -20.76 -10.40 -21.07
C ILE D 25 -20.23 -11.81 -21.35
N PHE D 26 -21.16 -12.77 -21.47
CA PHE D 26 -20.89 -14.20 -21.71
C PHE D 26 -21.21 -14.58 -23.15
N LEU D 27 -20.19 -15.01 -23.89
CA LEU D 27 -20.31 -15.53 -25.22
C LEU D 27 -20.07 -17.06 -25.30
N HIS D 28 -21.09 -17.76 -25.81
CA HIS D 28 -21.13 -19.23 -26.00
C HIS D 28 -20.40 -19.72 -27.24
N GLY D 29 -20.27 -21.04 -27.32
CA GLY D 29 -19.55 -21.63 -28.48
C GLY D 29 -20.37 -21.68 -29.74
N LEU D 30 -19.69 -21.89 -30.86
CA LEU D 30 -20.36 -22.20 -32.13
C LEU D 30 -21.43 -23.28 -31.96
N SER D 31 -22.59 -23.06 -32.56
CA SER D 31 -23.69 -24.02 -32.53
C SER D 31 -24.33 -24.19 -31.13
N LEU D 32 -23.83 -23.48 -30.11
CA LEU D 32 -24.45 -23.51 -28.79
C LEU D 32 -25.34 -22.33 -28.66
N ASP D 33 -25.91 -22.10 -27.48
CA ASP D 33 -26.66 -20.87 -27.24
C ASP D 33 -26.48 -20.36 -25.79
N LYS D 34 -27.21 -19.29 -25.46
CA LYS D 34 -27.12 -18.63 -24.15
C LYS D 34 -27.54 -19.48 -22.98
N GLN D 35 -28.19 -20.64 -23.21
CA GLN D 35 -28.51 -21.57 -22.14
C GLN D 35 -27.21 -22.21 -21.64
N SER D 36 -26.29 -22.39 -22.59
CA SER D 36 -25.06 -23.06 -22.29
C SER D 36 -24.32 -22.24 -21.23
N THR D 37 -24.42 -20.93 -21.30
CA THR D 37 -23.68 -20.06 -20.37
C THR D 37 -24.52 -19.76 -19.17
N CYS D 38 -25.72 -19.26 -19.40
CA CYS D 38 -26.67 -18.95 -18.30
C CYS D 38 -26.94 -20.06 -17.28
N LEU D 39 -27.26 -21.26 -17.76
CA LEU D 39 -27.53 -22.42 -16.92
C LEU D 39 -26.33 -22.90 -16.17
N PHE D 40 -25.13 -22.57 -16.67
CA PHE D 40 -23.91 -22.96 -15.98
C PHE D 40 -23.50 -21.97 -14.92
N PHE D 41 -23.48 -20.71 -15.24
CA PHE D 41 -22.93 -19.75 -14.34
C PHE D 41 -23.84 -19.28 -13.25
N GLU D 42 -25.11 -19.18 -13.53
CA GLU D 42 -26.02 -18.60 -12.55
C GLU D 42 -26.13 -19.42 -11.28
N PRO D 43 -26.19 -20.75 -11.38
CA PRO D 43 -26.26 -21.53 -10.14
C PRO D 43 -24.91 -21.72 -9.45
N LEU D 44 -23.81 -21.71 -10.22
CA LEU D 44 -22.42 -21.68 -9.71
C LEU D 44 -22.10 -20.23 -9.33
N SER D 45 -22.78 -19.78 -8.28
CA SER D 45 -23.11 -18.35 -8.08
C SER D 45 -22.18 -17.60 -7.15
N ASN D 46 -21.24 -16.86 -7.76
CA ASN D 46 -20.72 -15.70 -7.05
C ASN D 46 -20.71 -14.52 -8.01
N VAL D 47 -21.87 -14.30 -8.61
CA VAL D 47 -22.04 -13.27 -9.63
C VAL D 47 -23.11 -12.22 -9.24
N GLY D 48 -23.69 -12.33 -8.04
CA GLY D 48 -24.76 -11.44 -7.58
C GLY D 48 -24.49 -9.94 -7.55
N GLN D 49 -23.22 -9.57 -7.47
CA GLN D 49 -22.80 -8.16 -7.47
C GLN D 49 -22.50 -7.66 -8.87
N TYR D 50 -22.78 -8.50 -9.86
CA TYR D 50 -22.57 -8.11 -11.24
C TYR D 50 -23.85 -8.07 -12.04
N GLN D 51 -23.75 -7.46 -13.21
CA GLN D 51 -24.79 -7.56 -14.19
C GLN D 51 -24.38 -8.63 -15.18
N ARG D 52 -25.12 -9.71 -15.20
CA ARG D 52 -24.77 -10.85 -16.06
C ARG D 52 -25.51 -10.76 -17.43
N ILE D 53 -24.78 -10.59 -18.51
CA ILE D 53 -25.38 -10.50 -19.83
C ILE D 53 -24.97 -11.74 -20.63
N TYR D 54 -25.96 -12.63 -20.83
CA TYR D 54 -25.79 -13.82 -21.66
C TYR D 54 -26.38 -13.61 -23.05
N LEU D 55 -25.52 -13.38 -24.06
CA LEU D 55 -25.92 -13.21 -25.46
C LEU D 55 -26.04 -14.52 -26.25
N ASP D 56 -26.94 -14.53 -27.20
CA ASP D 56 -27.04 -15.48 -28.28
C ASP D 56 -26.29 -14.90 -29.47
N LEU D 57 -25.25 -15.55 -29.91
CA LEU D 57 -24.56 -15.15 -31.13
C LEU D 57 -25.50 -15.16 -32.35
N PRO D 58 -25.19 -14.39 -33.38
CA PRO D 58 -25.99 -14.40 -34.59
C PRO D 58 -26.18 -15.77 -35.16
N GLY D 59 -27.37 -16.01 -35.66
CA GLY D 59 -27.64 -17.24 -36.27
C GLY D 59 -27.72 -18.35 -35.28
N GLY D 61 -29.20 -19.61 -31.10
CA GLY D 61 -30.20 -19.33 -30.09
C GLY D 61 -31.40 -18.68 -30.72
N ASN D 62 -31.79 -17.54 -30.16
CA ASN D 62 -32.93 -16.79 -30.62
C ASN D 62 -32.50 -15.58 -31.41
N SER D 63 -31.26 -15.52 -31.84
CA SER D 63 -30.77 -14.38 -32.56
C SER D 63 -30.90 -14.56 -34.05
N ASP D 64 -31.24 -13.47 -34.76
CA ASP D 64 -31.28 -13.50 -36.21
C ASP D 64 -29.92 -13.81 -36.84
N PRO D 65 -29.90 -14.51 -38.00
CA PRO D 65 -28.63 -14.56 -38.68
C PRO D 65 -28.30 -13.21 -39.27
N ILE D 66 -27.15 -13.09 -39.91
CA ILE D 66 -26.74 -11.85 -40.52
C ILE D 66 -26.11 -12.21 -41.87
N SER D 67 -26.02 -11.23 -42.77
CA SER D 67 -25.32 -11.40 -44.05
C SER D 67 -24.54 -10.14 -44.18
N PRO D 68 -23.29 -10.23 -44.62
CA PRO D 68 -22.56 -11.42 -44.91
C PRO D 68 -22.35 -12.30 -43.66
N SER D 69 -22.26 -13.60 -43.86
CA SER D 69 -22.10 -14.53 -42.78
C SER D 69 -20.61 -14.75 -42.64
N THR D 70 -19.95 -13.80 -41.97
CA THR D 70 -18.50 -13.82 -41.83
C THR D 70 -18.17 -13.49 -40.38
N SER D 71 -17.02 -13.96 -39.90
CA SER D 71 -16.63 -13.63 -38.51
C SER D 71 -16.42 -12.14 -38.33
N ASP D 72 -15.89 -11.47 -39.36
CA ASP D 72 -15.74 -10.01 -39.28
C ASP D 72 -17.07 -9.35 -38.98
N ASN D 73 -18.12 -9.80 -39.66
CA ASN D 73 -19.46 -9.23 -39.45
C ASN D 73 -20.12 -9.67 -38.14
N VAL D 74 -19.82 -10.89 -37.70
CA VAL D 74 -20.31 -11.31 -36.36
C VAL D 74 -19.74 -10.35 -35.31
N LEU D 75 -18.44 -10.07 -35.43
CA LEU D 75 -17.74 -9.18 -34.52
C LEU D 75 -18.36 -7.78 -34.51
N GLU D 76 -18.55 -7.19 -35.71
CA GLU D 76 -19.23 -5.86 -35.79
C GLU D 76 -20.58 -5.88 -35.08
N THR D 77 -21.40 -6.89 -35.37
CA THR D 77 -22.75 -7.01 -34.80
C THR D 77 -22.68 -7.04 -33.28
N LEU D 78 -21.76 -7.83 -32.76
CA LEU D 78 -21.62 -7.97 -31.31
C LEU D 78 -21.12 -6.66 -30.70
N ILE D 79 -20.12 -6.05 -31.35
CA ILE D 79 -19.61 -4.78 -30.81
C ILE D 79 -20.78 -3.77 -30.79
N GLU D 80 -21.61 -3.76 -31.84
CA GLU D 80 -22.77 -2.86 -31.86
C GLU D 80 -23.70 -3.22 -30.74
N ALA D 81 -23.99 -4.51 -30.58
CA ALA D 81 -24.88 -4.98 -29.51
C ALA D 81 -24.41 -4.59 -28.12
N ILE D 82 -23.10 -4.60 -27.88
CA ILE D 82 -22.58 -4.27 -26.54
C ILE D 82 -22.81 -2.79 -26.27
N GLU D 83 -22.42 -1.97 -27.22
CA GLU D 83 -22.67 -0.55 -27.12
C GLU D 83 -24.18 -0.30 -26.88
N GLU D 84 -25.05 -1.02 -27.58
CA GLU D 84 -26.48 -0.83 -27.29
C GLU D 84 -26.85 -1.20 -25.87
N ILE D 85 -26.35 -2.33 -25.39
CA ILE D 85 -26.75 -2.86 -24.10
C ILE D 85 -26.10 -2.11 -22.93
N ILE D 86 -24.80 -1.82 -23.01
CA ILE D 86 -24.08 -1.21 -21.86
C ILE D 86 -23.36 0.13 -22.17
N GLY D 87 -23.47 0.58 -23.40
CA GLY D 87 -22.89 1.83 -23.77
C GLY D 87 -21.42 1.77 -23.57
N ALA D 88 -20.89 2.72 -22.82
CA ALA D 88 -19.48 2.77 -22.57
C ALA D 88 -19.05 2.19 -21.24
N ARG D 89 -19.95 1.54 -20.52
CA ARG D 89 -19.57 0.99 -19.24
C ARG D 89 -18.46 -0.02 -19.42
N ARG D 90 -17.57 -0.10 -18.44
CA ARG D 90 -16.46 -1.06 -18.52
C ARG D 90 -17.00 -2.44 -18.19
N PHE D 91 -16.56 -3.46 -18.93
CA PHE D 91 -17.19 -4.81 -18.77
C PHE D 91 -16.09 -5.86 -18.61
N ILE D 92 -16.52 -7.00 -18.04
CA ILE D 92 -15.76 -8.26 -18.01
C ILE D 92 -16.30 -9.22 -19.10
N LEU D 93 -15.39 -9.92 -19.78
CA LEU D 93 -15.69 -10.87 -20.89
C LEU D 93 -15.45 -12.32 -20.54
N TYR D 94 -16.43 -13.14 -20.84
CA TYR D 94 -16.28 -14.57 -20.83
C TYR D 94 -16.52 -15.10 -22.24
N GLY D 95 -15.79 -16.10 -22.61
CA GLY D 95 -16.04 -16.76 -23.87
C GLY D 95 -15.62 -18.19 -23.89
N HIS D 96 -16.43 -19.03 -24.56
CA HIS D 96 -16.13 -20.42 -24.81
C HIS D 96 -15.97 -20.67 -26.32
N SER D 97 -14.89 -21.35 -26.66
CA SER D 97 -14.59 -21.77 -28.00
C SER D 97 -14.66 -20.56 -28.96
N TYR D 98 -15.52 -20.61 -29.97
CA TYR D 98 -15.69 -19.49 -30.91
C TYR D 98 -16.04 -18.20 -30.21
N GLY D 99 -16.84 -18.30 -29.17
CA GLY D 99 -17.07 -17.22 -28.24
C GLY D 99 -15.81 -16.60 -27.68
N GLY D 100 -14.81 -17.41 -27.42
CA GLY D 100 -13.56 -16.91 -26.95
C GLY D 100 -12.81 -16.24 -28.05
N TYR D 101 -13.02 -16.66 -29.28
CA TYR D 101 -12.30 -16.08 -30.42
C TYR D 101 -12.88 -14.67 -30.60
N LEU D 102 -14.21 -14.58 -30.48
CA LEU D 102 -14.94 -13.31 -30.41
C LEU D 102 -14.49 -12.44 -29.22
N ALA D 103 -14.46 -13.01 -28.01
CA ALA D 103 -14.06 -12.23 -26.84
C ALA D 103 -12.65 -11.60 -27.00
N GLN D 104 -11.73 -12.33 -27.58
CA GLN D 104 -10.42 -11.83 -27.86
C GLN D 104 -10.42 -10.61 -28.81
N ALA D 105 -11.19 -10.66 -29.86
CA ALA D 105 -11.22 -9.54 -30.79
C ALA D 105 -11.98 -8.36 -30.25
N ILE D 106 -12.99 -8.60 -29.44
CA ILE D 106 -13.70 -7.54 -28.80
C ILE D 106 -12.75 -6.85 -27.84
N ALA D 107 -11.99 -7.61 -27.07
CA ALA D 107 -11.00 -7.06 -26.19
C ALA D 107 -9.95 -6.26 -26.98
N PHE D 108 -9.56 -6.73 -28.15
CA PHE D 108 -8.60 -6.03 -28.99
C PHE D 108 -9.18 -4.71 -29.40
N HIS D 109 -10.48 -4.71 -29.69
CA HIS D 109 -11.14 -3.51 -30.20
C HIS D 109 -11.67 -2.54 -29.18
N LEU D 110 -12.06 -3.02 -28.01
CA LEU D 110 -12.49 -2.12 -26.97
C LEU D 110 -11.53 -2.28 -25.78
N LYS D 111 -10.23 -2.10 -26.05
CA LYS D 111 -9.18 -2.25 -25.04
C LYS D 111 -9.44 -1.45 -23.76
N ASP D 112 -9.78 -0.17 -23.89
CA ASP D 112 -10.01 0.65 -22.70
C ASP D 112 -11.32 0.28 -21.97
N GLN D 113 -12.27 -0.37 -22.64
CA GLN D 113 -13.55 -0.67 -21.94
C GLN D 113 -13.54 -2.05 -21.28
N THR D 114 -12.51 -2.82 -21.57
CA THR D 114 -12.43 -4.23 -21.09
C THR D 114 -11.62 -4.35 -19.82
N LEU D 115 -12.22 -4.92 -18.77
CA LEU D 115 -11.58 -5.14 -17.47
C LEU D 115 -10.80 -6.47 -17.36
N GLY D 116 -11.24 -7.47 -18.14
CA GLY D 116 -10.70 -8.81 -17.98
C GLY D 116 -11.39 -9.76 -18.89
N VAL D 117 -10.71 -10.83 -19.25
CA VAL D 117 -11.18 -11.77 -20.21
C VAL D 117 -10.94 -13.17 -19.61
N PHE D 118 -12.00 -13.97 -19.48
CA PHE D 118 -11.90 -15.38 -19.07
C PHE D 118 -12.43 -16.27 -20.19
N LEU D 119 -11.58 -17.17 -20.68
CA LEU D 119 -11.90 -18.03 -21.81
C LEU D 119 -11.80 -19.50 -21.44
N THR D 120 -12.75 -20.30 -21.92
CA THR D 120 -12.64 -21.75 -21.90
C THR D 120 -12.49 -22.25 -23.32
N CYS D 121 -11.50 -23.09 -23.55
CA CYS D 121 -11.29 -23.81 -24.81
C CYS D 121 -11.44 -22.83 -25.98
N PRO D 122 -10.76 -21.72 -25.91
CA PRO D 122 -10.90 -20.68 -26.93
C PRO D 122 -10.33 -21.06 -28.29
N VAL D 123 -11.03 -20.70 -29.33
CA VAL D 123 -10.49 -20.71 -30.67
C VAL D 123 -9.43 -19.60 -30.78
N ILE D 124 -8.24 -19.92 -31.28
CA ILE D 124 -7.21 -18.92 -31.53
C ILE D 124 -6.94 -18.77 -33.02
N THR D 125 -6.75 -19.89 -33.69
CA THR D 125 -6.60 -19.96 -35.18
C THR D 125 -7.87 -20.60 -35.71
N ALA D 126 -8.56 -19.91 -36.62
CA ALA D 126 -9.93 -20.30 -36.99
C ALA D 126 -9.90 -21.51 -37.93
N ASP D 127 -8.92 -21.55 -38.81
CA ASP D 127 -8.76 -22.69 -39.69
C ASP D 127 -8.37 -23.97 -38.93
N HIS D 128 -9.20 -25.00 -39.01
CA HIS D 128 -8.94 -26.28 -38.34
C HIS D 128 -7.61 -26.90 -38.73
N SER D 129 -7.29 -26.98 -40.02
CA SER D 129 -6.05 -27.56 -40.50
C SER D 129 -4.81 -26.90 -39.91
N LYS D 130 -4.92 -25.66 -39.46
CA LYS D 130 -3.77 -24.92 -38.92
C LYS D 130 -3.63 -25.06 -37.40
N ARG D 131 -4.66 -25.60 -36.76
CA ARG D 131 -4.73 -25.66 -35.32
C ARG D 131 -3.85 -26.75 -34.74
N LEU D 132 -3.24 -26.48 -33.59
CA LEU D 132 -2.60 -27.52 -32.81
C LEU D 132 -3.70 -28.04 -31.88
N THR D 133 -4.02 -29.30 -32.05
CA THR D 133 -5.18 -29.90 -31.36
C THR D 133 -4.71 -31.05 -30.52
N GLY D 134 -5.50 -31.43 -29.52
CA GLY D 134 -5.14 -32.56 -28.70
C GLY D 134 -5.84 -33.85 -29.09
N LYS D 135 -5.58 -34.91 -28.36
CA LYS D 135 -6.07 -36.22 -28.71
C LYS D 135 -7.27 -36.51 -27.82
N HIS D 136 -8.43 -36.67 -28.42
CA HIS D 136 -9.62 -36.98 -27.63
C HIS D 136 -9.56 -38.41 -27.07
N ILE D 137 -10.11 -38.62 -25.86
CA ILE D 137 -10.21 -39.93 -25.24
C ILE D 137 -11.48 -39.92 -24.44
N ASN D 138 -11.91 -41.09 -24.00
CA ASN D 138 -12.96 -41.14 -22.99
C ASN D 138 -12.55 -41.84 -21.71
N ILE D 139 -13.00 -41.35 -20.58
CA ILE D 139 -12.89 -42.03 -19.33
C ILE D 139 -14.27 -42.52 -19.04
N LEU D 140 -14.49 -43.81 -19.19
CA LEU D 140 -15.82 -44.35 -18.98
C LEU D 140 -16.08 -44.72 -17.52
N GLU D 141 -16.68 -43.82 -16.75
CA GLU D 141 -16.89 -44.06 -15.32
C GLU D 141 -18.13 -44.85 -14.93
N GLU D 142 -19.23 -44.68 -15.66
CA GLU D 142 -20.50 -45.33 -15.40
C GLU D 142 -21.09 -45.77 -16.70
N ASP D 143 -21.92 -46.79 -16.64
CA ASP D 143 -22.71 -47.14 -17.77
C ASP D 143 -23.81 -46.12 -17.92
N ILE D 144 -24.07 -45.70 -19.16
CA ILE D 144 -25.25 -44.89 -19.45
C ILE D 144 -26.07 -45.62 -20.51
N ASN D 145 -27.35 -45.75 -20.22
CA ASN D 145 -28.33 -46.29 -21.14
C ASN D 145 -29.28 -45.15 -21.51
N PRO D 146 -28.95 -44.35 -22.54
CA PRO D 146 -29.81 -43.20 -22.84
C PRO D 146 -31.19 -43.55 -23.41
N VAL D 147 -32.17 -42.76 -23.02
CA VAL D 147 -33.50 -42.75 -23.58
C VAL D 147 -33.76 -41.43 -24.24
N GLU D 148 -34.01 -40.40 -23.46
CA GLU D 148 -34.20 -39.11 -24.03
C GLU D 148 -32.92 -38.78 -24.73
N ASN D 149 -33.06 -38.11 -25.86
CA ASN D 149 -31.91 -37.50 -26.53
C ASN D 149 -30.87 -38.47 -27.10
N LYS D 150 -31.29 -39.71 -27.36
CA LYS D 150 -30.38 -40.80 -27.74
C LYS D 150 -29.60 -40.47 -28.97
N GLU D 151 -30.25 -39.72 -29.87
CA GLU D 151 -29.64 -39.40 -31.13
C GLU D 151 -28.40 -38.46 -30.99
N TYR D 152 -28.27 -37.79 -29.85
CA TYR D 152 -27.13 -36.93 -29.55
C TYR D 152 -25.99 -37.63 -28.79
N PHE D 153 -26.24 -38.87 -28.40
CA PHE D 153 -25.28 -39.64 -27.58
C PHE D 153 -23.93 -39.81 -28.25
N ALA D 154 -23.87 -40.13 -29.52
CA ALA D 154 -22.57 -40.19 -30.21
C ALA D 154 -21.79 -38.89 -30.09
N ASP D 155 -22.49 -37.78 -30.26
CA ASP D 155 -21.85 -36.48 -30.26
C ASP D 155 -21.21 -36.23 -28.88
N PHE D 156 -21.99 -36.49 -27.85
CA PHE D 156 -21.55 -36.43 -26.50
C PHE D 156 -20.29 -37.26 -26.24
N LEU D 157 -20.29 -38.52 -26.67
CA LEU D 157 -19.12 -39.38 -26.49
C LEU D 157 -17.90 -38.91 -27.26
N SER D 158 -18.13 -38.21 -28.36
CA SER D 158 -17.01 -37.83 -29.20
CA SER D 158 -17.07 -37.76 -29.26
C SER D 158 -16.39 -36.52 -28.69
N ASN D 160 -17.28 -34.96 -24.99
CA ASN D 160 -16.99 -35.17 -23.60
C ASN D 160 -15.89 -36.21 -23.37
N VAL D 161 -15.19 -36.05 -22.27
CA VAL D 161 -14.14 -36.97 -21.88
C VAL D 161 -14.59 -37.83 -20.73
N ILE D 162 -14.99 -37.22 -19.64
CA ILE D 162 -15.46 -37.96 -18.50
C ILE D 162 -16.91 -38.38 -18.74
N ILE D 163 -17.10 -39.70 -18.91
CA ILE D 163 -18.40 -40.25 -19.25
C ILE D 163 -19.05 -40.85 -18.02
N ASN D 164 -20.07 -40.14 -17.54
CA ASN D 164 -20.93 -40.59 -16.46
C ASN D 164 -22.28 -39.90 -16.56
N ASN D 165 -23.23 -40.32 -15.71
CA ASN D 165 -24.62 -39.90 -15.83
C ASN D 165 -24.73 -38.38 -15.71
N GLN D 166 -24.08 -37.84 -14.69
CA GLN D 166 -24.06 -36.39 -14.54
C GLN D 166 -23.56 -35.68 -15.81
N ALA D 167 -22.46 -36.14 -16.39
CA ALA D 167 -21.97 -35.59 -17.64
C ALA D 167 -23.05 -35.59 -18.76
N TRP D 168 -23.70 -36.72 -18.99
CA TRP D 168 -24.81 -36.81 -19.95
C TRP D 168 -25.95 -35.84 -19.62
N HIS D 169 -26.33 -35.71 -18.36
CA HIS D 169 -27.38 -34.79 -18.00
C HIS D 169 -26.91 -33.39 -18.36
N ASP D 170 -25.71 -33.05 -17.91
CA ASP D 170 -25.15 -31.74 -18.20
C ASP D 170 -25.13 -31.47 -19.72
N TYR D 171 -24.71 -32.46 -20.49
CA TYR D 171 -24.68 -32.31 -21.94
C TYR D 171 -26.07 -32.03 -22.46
N GLN D 172 -27.07 -32.79 -21.96
CA GLN D 172 -28.40 -32.53 -22.42
C GLN D 172 -28.87 -31.12 -22.05
N ASN D 173 -28.64 -30.68 -20.80
CA ASN D 173 -29.09 -29.35 -20.43
C ASN D 173 -28.38 -28.21 -21.06
N LEU D 174 -27.08 -28.35 -21.38
CA LEU D 174 -26.31 -27.18 -21.80
C LEU D 174 -26.03 -27.08 -23.26
N ILE D 175 -25.88 -28.22 -23.90
CA ILE D 175 -25.43 -28.31 -25.25
C ILE D 175 -26.59 -28.54 -26.26
N ILE D 176 -27.49 -29.47 -25.96
CA ILE D 176 -28.51 -29.82 -26.93
C ILE D 176 -29.36 -28.59 -27.35
N PRO D 177 -29.67 -27.69 -26.38
CA PRO D 177 -30.57 -26.63 -26.79
C PRO D 177 -30.03 -25.83 -27.93
N GLY D 178 -28.72 -25.58 -27.94
CA GLY D 178 -28.16 -24.75 -28.97
C GLY D 178 -28.12 -25.50 -30.25
N LEU D 179 -27.86 -26.80 -30.16
CA LEU D 179 -27.79 -27.63 -31.33
C LEU D 179 -29.15 -27.61 -32.05
N GLN D 180 -30.22 -27.70 -31.27
CA GLN D 180 -31.58 -27.65 -31.80
C GLN D 180 -31.99 -26.30 -32.34
N LYS D 181 -31.36 -25.20 -31.90
CA LYS D 181 -31.71 -23.85 -32.35
C LYS D 181 -30.89 -23.33 -33.53
N GLU D 182 -29.71 -23.86 -33.73
CA GLU D 182 -28.80 -23.54 -34.84
C GLU D 182 -29.41 -23.22 -36.19
N ASP D 183 -29.06 -22.10 -36.80
CA ASP D 183 -29.42 -21.94 -38.21
C ASP D 183 -28.33 -22.59 -39.07
N LYS D 184 -28.64 -23.77 -39.59
CA LYS D 184 -27.67 -24.65 -40.17
C LYS D 184 -27.00 -24.03 -41.37
N THR D 185 -27.76 -23.30 -42.18
CA THR D 185 -27.26 -22.69 -43.38
C THR D 185 -26.35 -21.53 -43.07
N PHE D 186 -26.73 -20.73 -42.10
CA PHE D 186 -25.85 -19.69 -41.63
C PHE D 186 -24.53 -20.30 -41.10
N ILE D 187 -24.62 -21.30 -40.22
CA ILE D 187 -23.40 -21.87 -39.65
C ILE D 187 -22.44 -22.40 -40.75
N ASP D 188 -22.98 -23.13 -41.73
CA ASP D 188 -22.15 -23.60 -42.87
C ASP D 188 -21.44 -22.48 -43.58
N GLN D 189 -22.19 -21.44 -43.89
CA GLN D 189 -21.65 -20.24 -44.58
C GLN D 189 -20.57 -19.55 -43.79
N LEU D 190 -20.88 -19.28 -42.52
CA LEU D 190 -19.95 -18.70 -41.55
C LEU D 190 -18.63 -19.51 -41.46
N GLN D 191 -18.74 -20.83 -41.47
CA GLN D 191 -17.56 -21.65 -41.46
C GLN D 191 -16.71 -21.49 -42.78
N ASN D 192 -17.28 -20.91 -43.82
CA ASN D 192 -16.47 -20.56 -45.03
C ASN D 192 -15.73 -19.25 -44.90
N ASN D 193 -16.15 -18.44 -43.93
CA ASN D 193 -15.56 -17.14 -43.67
C ASN D 193 -15.29 -16.92 -42.18
N TYR D 194 -14.56 -17.89 -41.62
CA TYR D 194 -14.52 -18.11 -40.17
C TYR D 194 -13.43 -17.26 -39.51
N SER D 195 -12.33 -17.10 -40.23
CA SER D 195 -11.19 -16.36 -39.71
C SER D 195 -11.47 -14.89 -39.79
N PHE D 196 -11.04 -14.13 -38.79
CA PHE D 196 -11.07 -12.68 -38.91
C PHE D 196 -10.02 -12.30 -39.93
N THR D 197 -10.25 -11.22 -40.63
CA THR D 197 -9.32 -10.78 -41.67
C THR D 197 -7.89 -10.57 -41.16
N PHE D 198 -7.70 -10.01 -39.97
CA PHE D 198 -6.31 -9.94 -39.44
C PHE D 198 -6.16 -10.76 -38.14
N GLU D 199 -6.52 -12.04 -38.24
CA GLU D 199 -6.53 -13.02 -37.12
C GLU D 199 -5.18 -13.11 -36.40
N GLU D 200 -4.09 -13.06 -37.15
CA GLU D 200 -2.76 -13.28 -36.60
C GLU D 200 -2.36 -12.19 -35.60
N LYS D 201 -2.98 -11.02 -35.67
CA LYS D 201 -2.79 -10.02 -34.61
C LYS D 201 -3.14 -10.52 -33.23
N LEU D 202 -4.06 -11.49 -33.12
CA LEU D 202 -4.52 -11.90 -31.79
C LEU D 202 -3.46 -12.68 -31.03
N LYS D 203 -2.60 -13.36 -31.78
CA LYS D 203 -1.55 -14.16 -31.20
C LYS D 203 -0.48 -13.28 -30.56
N ASN D 204 -0.29 -12.08 -31.11
CA ASN D 204 0.68 -11.07 -30.60
C ASN D 204 0.11 -10.01 -29.63
N ILE D 205 -1.10 -10.17 -29.12
CA ILE D 205 -1.65 -9.14 -28.22
C ILE D 205 -1.26 -9.50 -26.79
N ASN D 206 -0.75 -8.48 -26.10
CA ASN D 206 -0.46 -8.55 -24.69
C ASN D 206 -1.48 -7.66 -24.02
N TYR D 207 -2.54 -8.26 -23.52
CA TYR D 207 -3.68 -7.52 -23.01
C TYR D 207 -3.33 -6.81 -21.75
N GLN D 208 -3.94 -5.68 -21.51
CA GLN D 208 -3.52 -4.88 -20.35
C GLN D 208 -4.38 -5.17 -19.13
N PHE D 209 -4.59 -6.45 -18.88
CA PHE D 209 -5.52 -6.80 -17.81
C PHE D 209 -5.54 -8.30 -17.67
N PRO D 210 -6.19 -8.80 -16.61
CA PRO D 210 -6.26 -10.27 -16.43
C PRO D 210 -6.90 -11.00 -17.62
N PHE D 211 -6.20 -12.04 -18.08
CA PHE D 211 -6.49 -12.80 -19.28
C PHE D 211 -6.18 -14.23 -18.92
N LYS D 212 -7.25 -14.97 -18.66
CA LYS D 212 -7.20 -16.30 -18.08
C LYS D 212 -7.91 -17.27 -19.05
N ILE D 213 -7.23 -18.35 -19.34
CA ILE D 213 -7.69 -19.38 -20.27
C ILE D 213 -7.67 -20.70 -19.54
N VAL D 215 -8.02 -24.78 -20.59
CA VAL D 215 -7.85 -25.70 -21.71
C VAL D 215 -7.69 -27.15 -21.24
N GLY D 216 -8.02 -28.08 -22.16
CA GLY D 216 -8.05 -29.52 -21.84
C GLY D 216 -7.00 -30.23 -22.67
N ARG D 217 -6.28 -31.19 -22.07
CA ARG D 217 -5.24 -31.88 -22.83
C ARG D 217 -5.92 -32.72 -23.92
N ASN D 218 -7.16 -33.13 -23.68
CA ASN D 218 -7.84 -34.01 -24.66
C ASN D 218 -8.78 -33.30 -25.64
N ASP D 219 -8.58 -31.99 -25.80
CA ASP D 219 -9.40 -31.15 -26.66
C ASP D 219 -8.93 -31.24 -28.12
N GLN D 220 -9.65 -32.03 -28.92
CA GLN D 220 -9.30 -32.23 -30.31
C GLN D 220 -9.80 -31.13 -31.25
N VAL D 221 -10.60 -30.19 -30.71
CA VAL D 221 -11.15 -29.05 -31.47
C VAL D 221 -10.20 -27.81 -31.54
N VAL D 222 -9.78 -27.29 -30.38
CA VAL D 222 -8.83 -26.13 -30.32
C VAL D 222 -7.49 -26.44 -29.56
N GLY D 223 -7.44 -27.59 -28.90
CA GLY D 223 -6.27 -28.00 -28.18
C GLY D 223 -5.90 -27.13 -26.99
N TYR D 224 -4.59 -27.09 -26.74
CA TYR D 224 -4.00 -26.35 -25.63
C TYR D 224 -2.69 -25.68 -26.01
N GLN D 225 -2.01 -26.06 -27.10
CA GLN D 225 -0.61 -25.56 -27.34
C GLN D 225 -0.62 -24.08 -27.69
N GLU D 226 -1.50 -23.69 -28.61
CA GLU D 226 -1.60 -22.30 -29.00
C GLU D 226 -2.06 -21.45 -27.83
N GLN D 227 -2.92 -21.98 -26.95
CA GLN D 227 -3.30 -21.26 -25.76
C GLN D 227 -2.14 -21.09 -24.73
N LEU D 228 -1.30 -22.11 -24.60
CA LEU D 228 -0.15 -21.97 -23.69
C LEU D 228 0.77 -20.83 -24.22
N LYS D 229 1.01 -20.81 -25.52
CA LYS D 229 1.85 -19.78 -26.10
C LYS D 229 1.31 -18.37 -25.87
N LEU D 230 0.00 -18.18 -26.04
CA LEU D 230 -0.60 -16.86 -25.77
C LEU D 230 -0.31 -16.39 -24.34
N ILE D 231 -0.42 -17.31 -23.39
CA ILE D 231 -0.44 -16.93 -21.97
C ILE D 231 0.92 -16.49 -21.54
N ASN D 232 1.89 -17.17 -22.12
CA ASN D 232 3.26 -16.87 -21.86
C ASN D 232 3.61 -15.44 -22.23
N HIS D 233 3.28 -15.02 -23.47
CA HIS D 233 3.47 -13.62 -23.95
C HIS D 233 2.53 -12.56 -23.27
N ASN D 234 1.59 -12.97 -22.43
CA ASN D 234 0.68 -12.04 -21.73
C ASN D 234 1.07 -11.75 -20.26
N GLU D 235 1.28 -10.46 -19.92
CA GLU D 235 1.85 -10.07 -18.59
C GLU D 235 0.92 -10.44 -17.49
N ASN D 236 -0.39 -10.42 -17.75
CA ASN D 236 -1.36 -10.78 -16.75
C ASN D 236 -2.13 -12.05 -17.14
N GLY D 237 -1.48 -12.93 -17.88
CA GLY D 237 -2.07 -14.17 -18.33
C GLY D 237 -2.00 -15.31 -17.31
N GLU D 238 -3.10 -15.99 -17.20
CA GLU D 238 -3.26 -17.16 -16.41
C GLU D 238 -3.77 -18.31 -17.26
N ILE D 239 -3.36 -19.52 -16.85
CA ILE D 239 -3.84 -20.71 -17.52
C ILE D 239 -4.05 -21.84 -16.56
N VAL D 240 -5.02 -22.65 -16.91
CA VAL D 240 -5.30 -23.90 -16.22
C VAL D 240 -5.48 -24.95 -17.31
N LEU D 241 -4.55 -25.90 -17.32
CA LEU D 241 -4.53 -26.98 -18.34
C LEU D 241 -4.63 -28.30 -17.58
N LEU D 242 -5.71 -29.02 -17.79
CA LEU D 242 -5.96 -30.24 -17.06
C LEU D 242 -6.07 -31.45 -18.00
N ASN D 243 -5.69 -32.60 -17.43
CA ASN D 243 -5.86 -33.91 -18.05
C ASN D 243 -7.33 -34.27 -17.96
N ARG D 244 -7.69 -35.31 -18.71
CA ARG D 244 -9.06 -35.87 -18.63
C ARG D 244 -10.10 -34.79 -18.90
N THR D 245 -9.81 -33.97 -19.90
CA THR D 245 -10.57 -32.77 -20.21
C THR D 245 -10.48 -32.48 -21.70
N GLY D 246 -11.65 -32.30 -22.31
CA GLY D 246 -11.74 -31.93 -23.70
C GLY D 246 -12.51 -30.63 -23.90
N HIS D 247 -13.15 -30.55 -25.06
CA HIS D 247 -13.75 -29.30 -25.50
C HIS D 247 -14.95 -28.89 -24.68
N ASN D 248 -15.66 -29.87 -24.11
CA ASN D 248 -16.75 -29.57 -23.17
C ASN D 248 -16.21 -29.50 -21.75
N LEU D 249 -15.26 -28.59 -21.56
CA LEU D 249 -14.43 -28.55 -20.35
C LEU D 249 -15.32 -28.22 -19.19
N ILE D 251 -18.18 -29.36 -18.56
CA ILE D 251 -18.81 -30.57 -18.08
C ILE D 251 -17.73 -31.48 -17.51
N ASP D 252 -16.60 -31.60 -18.20
CA ASP D 252 -15.54 -32.43 -17.72
C ASP D 252 -15.02 -31.97 -16.36
N GLN D 253 -14.87 -30.65 -16.22
CA GLN D 253 -14.31 -30.03 -15.00
C GLN D 253 -15.21 -28.90 -14.43
N ARG D 254 -16.45 -29.23 -14.16
CA ARG D 254 -17.45 -28.27 -13.66
C ARG D 254 -16.91 -27.47 -12.47
N GLU D 255 -16.41 -28.22 -11.51
CA GLU D 255 -15.96 -27.69 -10.26
C GLU D 255 -14.74 -26.79 -10.46
N ALA D 256 -13.81 -27.19 -11.32
CA ALA D 256 -12.67 -26.28 -11.63
C ALA D 256 -13.09 -25.01 -12.31
N VAL D 257 -14.12 -25.05 -13.18
CA VAL D 257 -14.55 -23.79 -13.80
C VAL D 257 -15.17 -22.86 -12.72
N GLY D 258 -16.06 -23.37 -11.89
CA GLY D 258 -16.63 -22.58 -10.83
C GLY D 258 -15.52 -21.94 -10.02
N PHE D 259 -14.57 -22.76 -9.57
CA PHE D 259 -13.54 -22.31 -8.67
C PHE D 259 -12.71 -21.23 -9.34
N HIS D 260 -12.26 -21.50 -10.54
CA HIS D 260 -11.47 -20.50 -11.23
C HIS D 260 -12.15 -19.23 -11.70
N PHE D 261 -13.45 -19.32 -11.96
CA PHE D 261 -14.16 -18.14 -12.44
C PHE D 261 -14.31 -17.22 -11.24
N ASP D 262 -14.62 -17.80 -10.08
CA ASP D 262 -14.66 -17.04 -8.87
C ASP D 262 -13.31 -16.41 -8.46
N LEU D 263 -12.20 -17.07 -8.75
CA LEU D 263 -10.87 -16.55 -8.38
C LEU D 263 -10.59 -15.39 -9.27
N PHE D 264 -10.99 -15.56 -10.52
CA PHE D 264 -10.83 -14.51 -11.53
C PHE D 264 -11.59 -13.23 -11.13
N LEU D 265 -12.87 -13.38 -10.76
CA LEU D 265 -13.64 -12.22 -10.36
C LEU D 265 -12.94 -11.58 -9.15
N ASP D 266 -12.46 -12.40 -8.21
CA ASP D 266 -11.66 -11.89 -7.08
C ASP D 266 -10.52 -11.00 -7.48
N GLU D 267 -9.78 -11.42 -8.48
CA GLU D 267 -8.67 -10.63 -9.00
C GLU D 267 -9.10 -9.27 -9.37
N LEU D 268 -10.25 -9.18 -10.03
CA LEU D 268 -10.67 -7.94 -10.65
C LEU D 268 -11.30 -7.01 -9.61
N ASN D 269 -11.83 -7.58 -8.53
CA ASN D 269 -12.63 -6.83 -7.55
C ASN D 269 -11.81 -5.97 -6.57
#